data_3QXB
#
_entry.id   3QXB
#
_cell.length_a   76.188
_cell.length_b   94.903
_cell.length_c   173.197
_cell.angle_alpha   90.000
_cell.angle_beta   93.040
_cell.angle_gamma   90.000
#
_symmetry.space_group_name_H-M   'C 1 2 1'
#
loop_
_entity.id
_entity.type
_entity.pdbx_description
1 polymer 'Putative Xylose isomerase'
2 non-polymer 'FE (III) ION'
3 non-polymer 'MANGANESE (II) ION'
4 non-polymer 'CHLORIDE ION'
5 non-polymer 1,2-ETHANEDIOL
6 non-polymer 'ACETATE ION'
7 water water
#
_entity_poly.entity_id   1
_entity_poly.type   'polypeptide(L)'
_entity_poly.pdbx_seq_one_letter_code
;(MSE)GSDKIHHHHHHENLYFQG(MSE)KLGVNLCFAVKRWLEPDRLAGLVRDDLGLEYVQYTYDLTDPWWPDIERDRRA
IAYAKAFRKAGLTIESTFGGLASYTYNHFLAPTLELQSLGYQHLKRAID(MSE)TAA(MSE)EVPATG(MSE)PFGSYSA
ADALNPARREEIYAIARD(MSE)WIELAAYAKRQGLS(MSE)LYVEPVPLATEFPSSAADAARL(MSE)ADLDGRTEIPV
RLLVDWGHALFEPLFGPEAD(MSE)DHW(MSE)DLCQPWIAAYHIQQTDGQLDRHWSFTQPGVVTPQRLQDFWDKYALTD
QTFFAEILYPFEARDEDVLAD(MSE)IASVKALKAASPAA
;
_entity_poly.pdbx_strand_id   A,B,C,D
#
# COMPACT_ATOMS: atom_id res chain seq x y z
N GLY A 19 -22.77 -21.01 0.83
CA GLY A 19 -21.79 -20.05 1.43
C GLY A 19 -22.41 -19.16 2.53
N LYS A 21 -23.77 -15.76 4.33
CA LYS A 21 -24.70 -14.81 3.80
C LYS A 21 -23.99 -13.47 3.80
N LEU A 22 -23.55 -13.07 2.63
CA LEU A 22 -22.85 -11.82 2.47
C LEU A 22 -23.84 -10.74 2.09
N GLY A 23 -23.58 -9.54 2.62
CA GLY A 23 -24.31 -8.37 2.24
C GLY A 23 -23.35 -7.16 2.14
N VAL A 24 -23.86 -6.00 1.73
CA VAL A 24 -23.04 -4.80 1.75
C VAL A 24 -23.70 -3.61 2.43
N ASN A 25 -22.95 -2.90 3.27
CA ASN A 25 -23.36 -1.61 3.78
C ASN A 25 -22.90 -0.57 2.74
N LEU A 26 -23.81 0.32 2.41
CA LEU A 26 -23.60 1.32 1.36
C LEU A 26 -22.61 2.41 1.70
N CYS A 27 -21.98 2.35 2.87
CA CYS A 27 -20.93 3.33 3.26
C CYS A 27 -19.84 3.51 2.18
N PHE A 28 -19.54 2.45 1.42
CA PHE A 28 -18.49 2.53 0.41
C PHE A 28 -18.85 3.49 -0.71
N ALA A 29 -20.15 3.81 -0.87
CA ALA A 29 -20.70 4.63 -1.97
C ALA A 29 -20.95 6.07 -1.61
N VAL A 30 -20.76 6.40 -0.34
CA VAL A 30 -21.06 7.76 0.18
C VAL A 30 -20.38 8.82 -0.66
N LYS A 31 -21.17 9.85 -1.03
CA LYS A 31 -20.79 10.98 -1.87
C LYS A 31 -20.57 10.65 -3.35
N ARG A 32 -20.51 9.38 -3.72
CA ARG A 32 -20.08 9.00 -5.08
C ARG A 32 -21.25 8.53 -5.98
N TRP A 33 -21.66 7.27 -5.87
CA TRP A 33 -22.65 6.70 -6.81
C TRP A 33 -24.03 6.93 -6.17
N LEU A 34 -24.54 8.14 -6.39
CA LEU A 34 -25.72 8.61 -5.69
C LEU A 34 -27.02 8.40 -6.45
N GLU A 35 -26.97 8.20 -7.76
CA GLU A 35 -28.18 8.00 -8.55
C GLU A 35 -28.79 6.66 -8.20
N PRO A 36 -30.07 6.63 -7.76
CA PRO A 36 -30.54 5.41 -7.16
C PRO A 36 -30.43 4.14 -8.04
N ASP A 37 -30.81 4.22 -9.30
CA ASP A 37 -30.72 3.08 -10.16
C ASP A 37 -29.26 2.71 -10.49
N ARG A 38 -28.34 3.68 -10.53
CA ARG A 38 -26.91 3.36 -10.80
C ARG A 38 -26.36 2.62 -9.58
N LEU A 39 -26.72 3.06 -8.37
CA LEU A 39 -26.24 2.41 -7.12
C LEU A 39 -26.75 0.98 -7.03
N ALA A 40 -28.05 0.82 -7.23
CA ALA A 40 -28.70 -0.51 -7.26
C ALA A 40 -28.05 -1.43 -8.29
N GLY A 41 -27.74 -0.91 -9.47
CA GLY A 41 -27.13 -1.72 -10.53
C GLY A 41 -25.70 -2.11 -10.21
N LEU A 42 -24.97 -1.21 -9.59
CA LEU A 42 -23.63 -1.46 -9.09
C LEU A 42 -23.60 -2.58 -8.05
N VAL A 43 -24.51 -2.59 -7.09
CA VAL A 43 -24.53 -3.65 -6.10
C VAL A 43 -24.92 -4.98 -6.78
N ARG A 44 -25.89 -4.91 -7.68
CA ARG A 44 -26.37 -6.15 -8.34
C ARG A 44 -25.39 -6.72 -9.35
N ASP A 45 -24.84 -5.86 -10.18
CA ASP A 45 -24.10 -6.30 -11.35
C ASP A 45 -22.60 -6.29 -11.10
N ASP A 46 -22.11 -5.24 -10.47
CA ASP A 46 -20.69 -5.15 -10.19
C ASP A 46 -20.23 -5.92 -8.94
N LEU A 47 -20.97 -5.82 -7.83
CA LEU A 47 -20.64 -6.60 -6.64
C LEU A 47 -21.31 -7.96 -6.62
N GLY A 48 -22.39 -8.16 -7.40
CA GLY A 48 -23.06 -9.48 -7.46
C GLY A 48 -23.66 -9.87 -6.10
N LEU A 49 -24.25 -8.90 -5.39
CA LEU A 49 -24.83 -9.15 -4.05
C LEU A 49 -26.33 -8.84 -4.02
N GLU A 50 -26.98 -9.31 -2.98
CA GLU A 50 -28.43 -9.22 -2.87
C GLU A 50 -28.87 -8.51 -1.59
N TYR A 51 -28.14 -8.75 -0.51
CA TYR A 51 -28.44 -8.16 0.80
C TYR A 51 -27.67 -6.85 1.08
N VAL A 52 -28.46 -5.83 1.43
CA VAL A 52 -27.95 -4.49 1.54
C VAL A 52 -28.32 -3.86 2.89
N GLN A 53 -27.39 -3.12 3.47
CA GLN A 53 -27.68 -2.25 4.61
C GLN A 53 -27.48 -0.83 4.15
N TYR A 54 -28.55 -0.07 4.20
CA TYR A 54 -28.55 1.30 3.74
C TYR A 54 -27.98 2.15 4.85
N THR A 55 -27.14 3.14 4.53
CA THR A 55 -26.50 3.98 5.56
C THR A 55 -27.19 5.36 5.70
N TYR A 56 -27.35 5.84 6.92
CA TYR A 56 -27.84 7.22 7.15
C TYR A 56 -26.96 8.27 6.43
N ASP A 57 -25.71 7.92 6.13
CA ASP A 57 -24.77 8.77 5.40
C ASP A 57 -25.19 9.08 3.94
N LEU A 58 -26.24 8.46 3.42
CA LEU A 58 -26.74 8.79 2.08
C LEU A 58 -27.90 9.78 2.17
N THR A 59 -28.74 9.64 3.21
CA THR A 59 -29.83 10.55 3.47
C THR A 59 -29.97 10.78 4.99
N ASP A 60 -29.67 12.03 5.42
CA ASP A 60 -29.58 12.38 6.83
C ASP A 60 -30.99 12.34 7.44
N PRO A 61 -31.19 11.56 8.51
CA PRO A 61 -32.46 11.54 9.26
C PRO A 61 -32.94 12.94 9.66
N TRP A 62 -32.01 13.82 9.97
CA TRP A 62 -32.33 15.23 10.30
C TRP A 62 -32.92 16.07 9.15
N TRP A 63 -32.71 15.68 7.91
CA TRP A 63 -33.26 16.46 6.78
C TRP A 63 -34.79 16.59 6.89
N PRO A 64 -35.37 17.67 6.37
CA PRO A 64 -36.82 17.78 6.39
C PRO A 64 -37.47 16.57 5.73
N ASP A 65 -38.54 16.11 6.36
CA ASP A 65 -39.18 14.84 6.04
C ASP A 65 -39.47 14.68 4.56
N ILE A 66 -40.02 15.70 3.94
CA ILE A 66 -40.53 15.57 2.57
C ILE A 66 -39.39 15.29 1.62
N GLU A 67 -38.38 16.15 1.61
CA GLU A 67 -37.23 15.94 0.72
C GLU A 67 -36.44 14.69 1.11
N ARG A 68 -36.27 14.50 2.41
CA ARG A 68 -35.56 13.35 2.93
C ARG A 68 -36.23 12.08 2.45
N ASP A 69 -37.54 11.93 2.66
CA ASP A 69 -38.23 10.66 2.30
C ASP A 69 -38.34 10.46 0.80
N ARG A 70 -38.52 11.54 0.03
N ARG A 70 -38.53 11.54 0.02
CA ARG A 70 -38.52 11.46 -1.43
CA ARG A 70 -38.53 11.40 -1.42
C ARG A 70 -37.24 10.75 -1.88
C ARG A 70 -37.24 10.73 -1.88
N ARG A 71 -36.08 11.16 -1.37
CA ARG A 71 -34.78 10.56 -1.78
C ARG A 71 -34.61 9.14 -1.23
N ALA A 72 -34.89 8.95 0.07
CA ALA A 72 -34.83 7.62 0.68
C ALA A 72 -35.75 6.66 -0.02
N ILE A 73 -36.97 7.07 -0.32
CA ILE A 73 -37.90 6.22 -1.04
C ILE A 73 -37.41 5.87 -2.46
N ALA A 74 -36.82 6.83 -3.17
CA ALA A 74 -36.22 6.54 -4.47
C ALA A 74 -35.14 5.45 -4.41
N TYR A 75 -34.26 5.50 -3.41
CA TYR A 75 -33.31 4.38 -3.18
C TYR A 75 -34.06 3.08 -2.90
N ALA A 76 -35.02 3.10 -1.98
CA ALA A 76 -35.78 1.83 -1.69
C ALA A 76 -36.40 1.22 -2.91
N LYS A 77 -37.01 2.06 -3.73
CA LYS A 77 -37.68 1.58 -4.93
C LYS A 77 -36.68 1.04 -5.96
N ALA A 78 -35.58 1.73 -6.14
CA ALA A 78 -34.59 1.29 -7.12
C ALA A 78 -33.98 -0.04 -6.69
N PHE A 79 -33.71 -0.20 -5.39
CA PHE A 79 -33.15 -1.46 -4.93
C PHE A 79 -34.15 -2.62 -5.10
N ARG A 80 -35.42 -2.38 -4.75
N ARG A 80 -35.42 -2.40 -4.74
CA ARG A 80 -36.46 -3.42 -4.86
CA ARG A 80 -36.44 -3.44 -4.87
C ARG A 80 -36.62 -3.83 -6.32
C ARG A 80 -36.56 -3.84 -6.33
N LYS A 81 -36.58 -2.86 -7.23
CA LYS A 81 -36.69 -3.13 -8.69
C LYS A 81 -35.47 -3.89 -9.23
N ALA A 82 -34.29 -3.68 -8.66
CA ALA A 82 -33.10 -4.40 -9.08
C ALA A 82 -33.05 -5.80 -8.48
N GLY A 83 -34.03 -6.16 -7.66
CA GLY A 83 -34.08 -7.48 -7.01
C GLY A 83 -33.24 -7.58 -5.75
N LEU A 84 -32.89 -6.46 -5.15
CA LEU A 84 -32.07 -6.42 -3.93
C LEU A 84 -32.96 -6.22 -2.71
N THR A 85 -32.50 -6.70 -1.56
CA THR A 85 -33.24 -6.57 -0.32
C THR A 85 -32.46 -5.70 0.62
N ILE A 86 -32.99 -4.51 0.88
CA ILE A 86 -32.52 -3.65 1.97
C ILE A 86 -33.10 -4.15 3.32
N GLU A 87 -32.26 -4.93 4.02
CA GLU A 87 -32.60 -5.51 5.30
C GLU A 87 -32.67 -4.54 6.48
N SER A 88 -31.93 -3.45 6.39
CA SER A 88 -31.89 -2.50 7.48
C SER A 88 -31.24 -1.25 7.00
N THR A 89 -31.46 -0.19 7.75
CA THR A 89 -30.77 1.06 7.61
C THR A 89 -29.92 1.11 8.84
N PHE A 90 -28.87 1.92 8.80
CA PHE A 90 -27.90 1.96 9.89
C PHE A 90 -27.14 3.25 9.93
N GLY A 91 -26.81 3.71 11.13
CA GLY A 91 -25.93 4.88 11.36
C GLY A 91 -24.58 4.76 10.68
N GLY A 92 -24.11 5.91 10.24
CA GLY A 92 -22.79 6.05 9.64
C GLY A 92 -22.00 7.13 10.37
N LEU A 93 -21.06 7.76 9.65
CA LEU A 93 -20.13 8.69 10.30
C LEU A 93 -20.77 9.98 10.74
N ALA A 94 -21.71 10.53 9.97
CA ALA A 94 -22.41 11.78 10.34
C ALA A 94 -23.08 11.61 11.73
N SER A 95 -23.74 10.46 11.88
CA SER A 95 -24.41 10.08 13.10
C SER A 95 -23.44 9.85 14.24
N TYR A 96 -22.36 9.14 13.99
CA TYR A 96 -21.42 8.71 15.04
C TYR A 96 -20.60 9.85 15.57
N THR A 97 -20.56 10.96 14.83
CA THR A 97 -19.91 12.20 15.27
C THR A 97 -20.41 12.75 16.61
N TYR A 98 -21.67 12.44 16.96
CA TYR A 98 -22.34 12.98 18.14
C TYR A 98 -22.50 11.89 19.21
N ASN A 99 -22.82 12.33 20.41
CA ASN A 99 -22.81 11.50 21.61
C ASN A 99 -24.15 10.84 21.89
N HIS A 100 -25.23 11.42 21.38
CA HIS A 100 -26.55 10.83 21.48
C HIS A 100 -26.95 10.40 22.90
N PHE A 101 -27.29 9.13 23.06
CA PHE A 101 -27.95 8.63 24.25
C PHE A 101 -27.12 8.66 25.52
N LEU A 102 -25.80 8.74 25.38
CA LEU A 102 -24.93 8.83 26.59
C LEU A 102 -24.33 10.24 26.82
N ALA A 103 -24.86 11.23 26.08
CA ALA A 103 -24.38 12.60 26.16
C ALA A 103 -24.53 13.21 27.59
N PRO A 104 -23.77 14.26 27.89
CA PRO A 104 -23.71 14.73 29.27
C PRO A 104 -24.85 15.66 29.73
N THR A 105 -25.77 16.07 28.85
CA THR A 105 -26.98 16.79 29.28
C THR A 105 -28.19 16.06 28.77
N LEU A 106 -29.31 16.22 29.47
CA LEU A 106 -30.56 15.57 29.07
C LEU A 106 -30.99 16.11 27.70
N GLU A 107 -30.77 17.40 27.44
CA GLU A 107 -31.13 17.95 26.11
C GLU A 107 -30.35 17.26 24.98
N LEU A 108 -29.06 17.02 25.18
CA LEU A 108 -28.26 16.30 24.17
C LEU A 108 -28.72 14.86 24.05
N GLN A 109 -29.06 14.21 25.18
CA GLN A 109 -29.64 12.85 25.11
C GLN A 109 -30.93 12.89 24.31
N SER A 110 -31.78 13.90 24.55
CA SER A 110 -33.05 14.02 23.82
C SER A 110 -32.88 14.28 22.35
N LEU A 111 -31.77 14.90 21.96
CA LEU A 111 -31.41 15.02 20.54
C LEU A 111 -31.00 13.66 19.96
N GLY A 112 -30.42 12.80 20.78
CA GLY A 112 -30.16 11.41 20.35
C GLY A 112 -31.45 10.64 20.11
N TYR A 113 -32.38 10.75 21.06
CA TYR A 113 -33.73 10.21 20.92
C TYR A 113 -34.36 10.63 19.55
N GLN A 114 -34.35 11.91 19.28
CA GLN A 114 -35.00 12.48 18.12
C GLN A 114 -34.26 12.04 16.85
N HIS A 115 -32.94 11.92 16.94
CA HIS A 115 -32.16 11.41 15.83
C HIS A 115 -32.66 10.07 15.38
N LEU A 116 -32.74 9.11 16.32
CA LEU A 116 -33.22 7.77 16.03
C LEU A 116 -34.71 7.69 15.66
N LYS A 117 -35.54 8.48 16.34
CA LYS A 117 -36.95 8.63 15.98
C LYS A 117 -37.09 9.02 14.51
N ARG A 118 -36.30 9.98 14.08
CA ARG A 118 -36.34 10.42 12.68
C ARG A 118 -35.81 9.35 11.75
N ALA A 119 -34.75 8.66 12.16
CA ALA A 119 -34.25 7.50 11.38
C ALA A 119 -35.31 6.40 11.26
N ILE A 120 -36.03 6.14 12.33
CA ILE A 120 -37.16 5.21 12.26
C ILE A 120 -38.22 5.71 11.25
N ASP A 121 -38.56 7.00 11.29
CA ASP A 121 -39.50 7.56 10.26
C ASP A 121 -39.02 7.31 8.83
N THR A 123 -36.80 5.08 7.84
CA THR A 123 -36.77 3.62 7.58
C THR A 123 -38.18 3.09 7.23
N ALA A 124 -39.21 3.52 7.96
CA ALA A 124 -40.60 3.11 7.68
C ALA A 124 -41.04 3.61 6.29
N ALA A 125 -40.61 4.81 5.93
CA ALA A 125 -40.96 5.38 4.62
C ALA A 125 -40.40 4.51 3.51
N GLU A 127 -40.03 1.36 3.72
CA GLU A 127 -40.55 0.02 3.99
C GLU A 127 -39.43 -0.97 4.30
N VAL A 128 -38.43 -0.50 5.03
CA VAL A 128 -37.35 -1.33 5.51
C VAL A 128 -37.69 -1.73 6.95
N PRO A 129 -37.44 -2.99 7.30
CA PRO A 129 -37.92 -3.55 8.58
C PRO A 129 -37.13 -3.24 9.84
N ALA A 130 -35.92 -2.72 9.72
CA ALA A 130 -35.08 -2.63 10.88
C ALA A 130 -34.10 -1.48 10.71
N THR A 131 -33.67 -0.93 11.83
CA THR A 131 -32.63 0.11 11.86
C THR A 131 -31.83 -0.04 13.13
N GLY A 132 -30.63 0.52 13.13
CA GLY A 132 -29.79 0.50 14.30
C GLY A 132 -28.62 1.48 14.24
N PRO A 134 -24.73 2.53 16.87
CA PRO A 134 -24.07 2.48 18.17
C PRO A 134 -24.91 3.25 19.18
N PHE A 135 -24.79 2.86 20.44
CA PHE A 135 -25.67 3.33 21.47
C PHE A 135 -25.44 4.80 21.83
N GLY A 136 -24.20 5.26 21.72
CA GLY A 136 -23.87 6.65 22.11
C GLY A 136 -22.55 6.71 22.85
N SER A 137 -22.23 7.89 23.38
CA SER A 137 -20.89 8.13 23.86
C SER A 137 -20.86 9.04 25.06
N TYR A 138 -20.06 8.68 26.06
CA TYR A 138 -19.87 9.53 27.24
C TYR A 138 -18.84 10.59 26.98
N SER A 139 -19.01 11.74 27.61
CA SER A 139 -18.00 12.77 27.58
C SER A 139 -16.77 12.27 28.35
N ALA A 140 -15.65 12.95 28.19
CA ALA A 140 -14.40 12.59 28.84
C ALA A 140 -14.52 12.57 30.37
N ALA A 141 -15.15 13.58 30.94
CA ALA A 141 -15.41 13.65 32.39
C ALA A 141 -16.38 12.52 32.87
N ASP A 142 -17.50 12.36 32.17
CA ASP A 142 -18.49 11.36 32.56
C ASP A 142 -17.95 9.95 32.41
N ALA A 143 -17.14 9.70 31.38
CA ALA A 143 -16.56 8.37 31.14
C ALA A 143 -15.78 7.89 32.39
N LEU A 144 -15.27 8.81 33.21
CA LEU A 144 -14.51 8.43 34.41
C LEU A 144 -15.32 8.46 35.71
N ASN A 145 -16.64 8.69 35.62
CA ASN A 145 -17.48 8.83 36.80
C ASN A 145 -18.59 7.73 36.73
N PRO A 146 -18.37 6.61 37.45
CA PRO A 146 -19.33 5.48 37.38
C PRO A 146 -20.78 5.86 37.74
N ALA A 147 -20.97 6.76 38.70
CA ALA A 147 -22.29 7.27 39.10
C ALA A 147 -22.98 7.99 37.93
N ARG A 148 -22.24 8.87 37.27
CA ARG A 148 -22.75 9.57 36.09
C ARG A 148 -23.04 8.57 35.00
N ARG A 149 -22.14 7.61 34.80
CA ARG A 149 -22.37 6.63 33.74
C ARG A 149 -23.70 5.91 33.96
N GLU A 150 -23.96 5.53 35.21
CA GLU A 150 -25.17 4.81 35.57
C GLU A 150 -26.42 5.64 35.44
N GLU A 151 -26.35 6.87 35.90
CA GLU A 151 -27.46 7.81 35.77
C GLU A 151 -27.85 7.99 34.28
N ILE A 152 -26.84 8.16 33.44
CA ILE A 152 -27.04 8.49 32.01
C ILE A 152 -27.56 7.27 31.28
N TYR A 153 -27.01 6.12 31.63
CA TYR A 153 -27.44 4.87 31.06
C TYR A 153 -28.90 4.54 31.40
N ALA A 154 -29.37 4.83 32.62
CA ALA A 154 -30.73 4.46 32.97
C ALA A 154 -31.73 5.25 32.10
N ILE A 155 -31.36 6.50 31.81
CA ILE A 155 -32.16 7.33 30.93
C ILE A 155 -32.11 6.79 29.51
N ALA A 156 -30.92 6.42 29.06
CA ALA A 156 -30.73 5.96 27.71
C ALA A 156 -31.58 4.72 27.48
N ARG A 157 -31.52 3.76 28.41
N ARG A 157 -31.50 3.78 28.42
CA ARG A 157 -32.27 2.50 28.33
CA ARG A 157 -32.24 2.53 28.36
C ARG A 157 -33.78 2.76 28.25
C ARG A 157 -33.77 2.76 28.26
N ASP A 158 -34.29 3.67 29.07
CA ASP A 158 -35.69 4.04 29.03
C ASP A 158 -36.01 4.66 27.67
N TRP A 160 -34.67 3.88 24.76
CA TRP A 160 -34.70 2.86 23.73
C TRP A 160 -35.96 2.04 23.82
N ILE A 161 -36.48 1.88 25.03
CA ILE A 161 -37.76 1.25 25.23
C ILE A 161 -38.87 1.99 24.52
N GLU A 162 -38.94 3.29 24.76
CA GLU A 162 -39.93 4.14 24.09
C GLU A 162 -39.79 4.13 22.54
N LEU A 163 -38.55 4.17 22.09
CA LEU A 163 -38.24 4.15 20.66
C LEU A 163 -38.58 2.79 20.03
N ALA A 164 -38.40 1.69 20.74
CA ALA A 164 -38.85 0.39 20.24
C ALA A 164 -40.40 0.37 20.10
N ALA A 165 -41.12 0.99 21.03
CA ALA A 165 -42.58 1.12 20.93
C ALA A 165 -42.99 1.94 19.71
N TYR A 166 -42.28 3.06 19.51
CA TYR A 166 -42.52 3.87 18.31
C TYR A 166 -42.22 3.10 17.01
N ALA A 167 -41.11 2.38 16.95
CA ALA A 167 -40.71 1.63 15.78
C ALA A 167 -41.81 0.62 15.48
N LYS A 168 -42.30 -0.10 16.50
CA LYS A 168 -43.36 -1.07 16.27
C LYS A 168 -44.59 -0.40 15.65
N ARG A 169 -44.99 0.77 16.19
CA ARG A 169 -46.11 1.47 15.65
C ARG A 169 -45.87 1.87 14.17
N GLN A 170 -44.64 2.25 13.81
CA GLN A 170 -44.30 2.60 12.43
C GLN A 170 -44.09 1.37 11.50
N GLY A 171 -44.21 0.16 12.03
CA GLY A 171 -44.16 -1.05 11.21
C GLY A 171 -42.81 -1.73 11.18
N LEU A 172 -41.81 -1.26 11.95
CA LEU A 172 -40.51 -1.91 11.99
C LEU A 172 -40.61 -3.24 12.84
N SER A 173 -39.73 -4.18 12.56
CA SER A 173 -39.64 -5.47 13.27
C SER A 173 -38.50 -5.57 14.26
N LEU A 175 -34.79 -3.38 16.14
CA LEU A 175 -33.76 -2.34 16.28
C LEU A 175 -32.41 -3.00 16.61
N TYR A 176 -31.31 -2.39 16.19
CA TYR A 176 -29.97 -2.89 16.53
C TYR A 176 -29.11 -1.86 17.27
N VAL A 177 -28.25 -2.40 18.15
CA VAL A 177 -27.20 -1.65 18.83
C VAL A 177 -25.88 -2.25 18.40
N GLU A 178 -24.93 -1.40 17.98
CA GLU A 178 -23.60 -1.87 17.59
C GLU A 178 -22.60 -1.56 18.66
N PRO A 179 -22.05 -2.59 19.34
CA PRO A 179 -21.01 -2.29 20.29
C PRO A 179 -19.73 -1.74 19.63
N VAL A 180 -18.97 -1.00 20.43
CA VAL A 180 -17.83 -0.25 19.93
C VAL A 180 -16.58 -0.41 20.82
N PRO A 181 -15.37 -0.23 20.20
CA PRO A 181 -14.09 -0.52 20.86
C PRO A 181 -13.54 0.67 21.63
N LEU A 182 -14.40 1.34 22.39
CA LEU A 182 -14.04 2.48 23.22
C LEU A 182 -14.54 2.22 24.63
N ALA A 183 -13.68 2.39 25.64
CA ALA A 183 -14.08 2.32 27.08
C ALA A 183 -14.97 3.53 27.48
N THR A 184 -14.92 4.62 26.70
CA THR A 184 -15.73 5.82 26.93
C THR A 184 -17.19 5.71 26.35
N GLU A 185 -17.56 4.57 25.79
CA GLU A 185 -18.88 4.34 25.23
C GLU A 185 -19.40 3.02 25.81
N PHE A 186 -20.69 2.81 25.67
CA PHE A 186 -21.30 1.58 26.13
C PHE A 186 -22.36 1.23 25.13
N PRO A 187 -22.51 -0.06 24.78
CA PRO A 187 -21.71 -1.22 25.16
C PRO A 187 -20.41 -1.32 24.36
N SER A 188 -19.35 -1.73 25.03
CA SER A 188 -18.07 -1.89 24.44
C SER A 188 -17.71 -3.36 24.39
N SER A 189 -17.58 -3.98 25.57
CA SER A 189 -17.24 -5.40 25.68
C SER A 189 -18.44 -6.30 25.44
N ALA A 190 -18.18 -7.57 25.21
CA ALA A 190 -19.22 -8.59 25.13
C ALA A 190 -20.05 -8.62 26.44
N ALA A 191 -19.39 -8.45 27.60
CA ALA A 191 -20.12 -8.31 28.88
C ALA A 191 -21.04 -7.08 28.96
N ASP A 192 -20.60 -5.93 28.45
CA ASP A 192 -21.49 -4.79 28.30
C ASP A 192 -22.69 -5.12 27.41
N ALA A 193 -22.41 -5.68 26.25
CA ALA A 193 -23.49 -6.01 25.32
C ALA A 193 -24.49 -7.01 25.94
N ALA A 194 -24.01 -8.02 26.66
CA ALA A 194 -24.92 -8.97 27.33
C ALA A 194 -25.79 -8.26 28.39
N ARG A 195 -25.21 -7.29 29.10
CA ARG A 195 -25.96 -6.58 30.09
C ARG A 195 -27.08 -5.72 29.44
N LEU A 196 -26.74 -4.97 28.40
CA LEU A 196 -27.74 -4.16 27.72
C LEU A 196 -28.84 -5.03 27.21
N ALA A 198 -29.78 -8.06 28.26
CA ALA A 198 -30.54 -8.62 29.35
C ALA A 198 -31.51 -7.56 29.93
N ASP A 199 -31.05 -6.31 30.04
CA ASP A 199 -31.84 -5.23 30.56
C ASP A 199 -33.07 -4.99 29.68
N LEU A 200 -32.87 -5.03 28.36
CA LEU A 200 -33.95 -4.73 27.42
C LEU A 200 -34.87 -5.95 27.11
N ASP A 201 -34.37 -7.18 27.27
N ASP A 201 -34.35 -7.17 27.27
CA ASP A 201 -35.19 -8.34 26.89
CA ASP A 201 -35.14 -8.39 26.99
C ASP A 201 -36.47 -8.40 27.75
C ASP A 201 -36.47 -8.39 27.77
N GLY A 202 -37.59 -8.61 27.07
CA GLY A 202 -38.91 -8.59 27.68
C GLY A 202 -39.52 -7.22 27.95
N ARG A 203 -38.80 -6.16 27.68
CA ARG A 203 -39.25 -4.80 27.98
C ARG A 203 -39.61 -4.04 26.70
N THR A 204 -39.25 -4.58 25.54
CA THR A 204 -39.35 -3.81 24.27
C THR A 204 -40.45 -4.41 23.41
N GLU A 205 -41.23 -3.55 22.74
CA GLU A 205 -42.39 -4.02 21.96
C GLU A 205 -41.97 -4.78 20.70
N ILE A 206 -40.77 -4.49 20.21
CA ILE A 206 -40.09 -5.29 19.22
C ILE A 206 -38.68 -5.60 19.77
N PRO A 207 -38.04 -6.65 19.27
CA PRO A 207 -36.73 -6.96 19.79
C PRO A 207 -35.67 -5.92 19.49
N VAL A 208 -34.78 -5.69 20.44
CA VAL A 208 -33.55 -4.90 20.24
C VAL A 208 -32.44 -5.92 20.31
N ARG A 209 -31.62 -5.95 19.28
CA ARG A 209 -30.59 -6.99 19.16
C ARG A 209 -29.25 -6.32 18.87
N LEU A 210 -28.20 -7.15 18.84
CA LEU A 210 -26.86 -6.69 18.60
C LEU A 210 -26.52 -6.87 17.12
N LEU A 211 -25.82 -5.87 16.58
CA LEU A 211 -25.07 -6.04 15.34
C LEU A 211 -23.60 -5.93 15.73
N VAL A 212 -22.80 -6.97 15.47
CA VAL A 212 -21.42 -6.97 15.97
C VAL A 212 -20.47 -6.79 14.80
N ASP A 213 -19.56 -5.84 14.95
CA ASP A 213 -18.63 -5.52 13.89
C ASP A 213 -17.32 -6.21 14.21
N TRP A 214 -16.86 -7.06 13.32
CA TRP A 214 -15.69 -7.90 13.59
C TRP A 214 -14.46 -7.04 13.97
N GLY A 215 -14.35 -5.87 13.41
CA GLY A 215 -13.22 -4.98 13.71
C GLY A 215 -13.29 -4.38 15.12
N HIS A 216 -14.50 -4.25 15.65
CA HIS A 216 -14.70 -3.73 16.98
C HIS A 216 -14.41 -4.82 18.02
N ALA A 217 -14.90 -6.03 17.79
CA ALA A 217 -14.65 -7.15 18.71
C ALA A 217 -13.16 -7.50 18.73
N LEU A 218 -12.49 -7.37 17.59
CA LEU A 218 -11.09 -7.83 17.46
C LEU A 218 -10.06 -6.75 17.78
N PHE A 219 -10.52 -5.61 18.28
CA PHE A 219 -9.63 -4.53 18.68
C PHE A 219 -8.79 -4.93 19.93
N GLU A 220 -7.54 -5.32 19.68
CA GLU A 220 -6.61 -5.81 20.72
C GLU A 220 -6.28 -4.86 21.87
N PRO A 221 -5.92 -3.59 21.59
CA PRO A 221 -5.50 -2.71 22.70
C PRO A 221 -6.51 -2.56 23.85
N LEU A 222 -7.80 -2.71 23.57
CA LEU A 222 -8.81 -2.66 24.62
C LEU A 222 -9.12 -4.05 25.15
N PHE A 223 -9.36 -5.02 24.26
CA PHE A 223 -9.89 -6.33 24.68
C PHE A 223 -8.86 -7.45 24.94
N GLY A 224 -7.59 -7.23 24.58
CA GLY A 224 -6.51 -8.17 24.90
C GLY A 224 -6.85 -9.56 24.40
N PRO A 225 -6.84 -10.57 25.31
CA PRO A 225 -7.15 -11.94 24.88
C PRO A 225 -8.65 -12.20 24.63
N GLU A 226 -9.51 -11.28 25.06
CA GLU A 226 -10.94 -11.35 24.77
C GLU A 226 -11.28 -10.68 23.43
N ALA A 227 -10.23 -10.24 22.69
CA ALA A 227 -10.40 -9.74 21.33
C ALA A 227 -10.54 -10.93 20.40
N ASP A 228 -11.67 -11.63 20.50
CA ASP A 228 -12.03 -12.61 19.48
C ASP A 228 -13.50 -13.01 19.56
N ASP A 230 -15.25 -15.84 19.40
CA ASP A 230 -15.81 -16.92 20.22
C ASP A 230 -16.25 -16.39 21.59
N HIS A 231 -15.53 -15.41 22.12
CA HIS A 231 -15.91 -14.80 23.39
C HIS A 231 -17.25 -14.06 23.24
N TRP A 232 -17.47 -13.48 22.06
CA TRP A 232 -18.72 -12.78 21.78
C TRP A 232 -19.87 -13.78 21.71
N ASP A 234 -19.89 -16.74 23.21
CA ASP A 234 -20.08 -17.28 24.56
C ASP A 234 -21.00 -16.41 25.42
N LEU A 235 -20.85 -15.10 25.35
CA LEU A 235 -21.63 -14.22 26.21
C LEU A 235 -22.91 -13.67 25.53
N CYS A 236 -22.93 -13.60 24.20
CA CYS A 236 -23.97 -12.85 23.47
C CYS A 236 -24.68 -13.56 22.31
N GLN A 237 -24.33 -14.81 22.02
CA GLN A 237 -24.85 -15.46 20.81
C GLN A 237 -26.36 -15.30 20.53
N PRO A 238 -27.25 -15.60 21.52
CA PRO A 238 -28.69 -15.49 21.25
C PRO A 238 -29.13 -14.12 20.73
N TRP A 239 -28.37 -13.07 21.02
CA TRP A 239 -28.76 -11.73 20.64
C TRP A 239 -28.12 -11.13 19.39
N ILE A 240 -27.13 -11.79 18.78
CA ILE A 240 -26.40 -11.22 17.65
C ILE A 240 -27.17 -11.58 16.39
N ALA A 241 -27.84 -10.58 15.80
CA ALA A 241 -28.76 -10.83 14.66
C ALA A 241 -28.16 -10.45 13.31
N ALA A 242 -27.06 -9.71 13.34
CA ALA A 242 -26.34 -9.29 12.12
C ALA A 242 -24.91 -8.85 12.46
N TYR A 243 -24.06 -8.78 11.44
CA TYR A 243 -22.66 -8.43 11.61
C TYR A 243 -22.20 -7.36 10.61
N HIS A 244 -21.14 -6.64 10.97
CA HIS A 244 -20.33 -5.92 10.00
C HIS A 244 -19.03 -6.70 9.88
N ILE A 245 -18.60 -6.90 8.64
CA ILE A 245 -17.33 -7.54 8.38
C ILE A 245 -16.41 -6.49 7.72
N GLN A 246 -15.11 -6.59 8.05
CA GLN A 246 -14.06 -5.73 7.50
C GLN A 246 -12.75 -6.44 7.72
N GLN A 247 -11.71 -5.98 7.02
CA GLN A 247 -10.37 -6.47 7.22
C GLN A 247 -9.70 -5.50 8.17
N THR A 248 -8.86 -6.07 9.03
CA THR A 248 -8.22 -5.28 10.06
C THR A 248 -6.96 -6.00 10.54
N ASP A 249 -6.02 -5.24 11.13
CA ASP A 249 -4.88 -5.83 11.82
C ASP A 249 -5.16 -5.94 13.30
N GLY A 250 -6.31 -5.46 13.74
CA GLY A 250 -6.66 -5.57 15.14
C GLY A 250 -6.03 -4.51 16.03
N GLN A 251 -5.35 -3.51 15.46
CA GLN A 251 -4.69 -2.43 16.23
C GLN A 251 -5.40 -1.09 16.20
N LEU A 252 -6.19 -0.87 15.15
CA LEU A 252 -7.13 0.23 15.09
C LEU A 252 -8.38 -0.34 14.40
N ASP A 253 -9.44 0.45 14.35
CA ASP A 253 -10.66 0.04 13.69
C ASP A 253 -10.53 0.32 12.20
N ARG A 254 -9.96 -0.63 11.47
CA ARG A 254 -9.41 -0.31 10.12
C ARG A 254 -10.48 -0.10 9.03
N HIS A 255 -11.48 -0.97 9.02
CA HIS A 255 -12.46 -1.05 7.95
C HIS A 255 -11.77 -1.17 6.60
N TRP A 256 -10.71 -1.98 6.56
CA TRP A 256 -10.04 -2.28 5.33
C TRP A 256 -10.89 -3.20 4.51
N SER A 257 -10.65 -3.19 3.20
CA SER A 257 -11.31 -4.15 2.34
C SER A 257 -10.53 -5.48 2.30
N PHE A 258 -11.11 -6.50 1.68
CA PHE A 258 -10.53 -7.81 1.66
C PHE A 258 -9.48 -8.05 0.55
N THR A 259 -9.08 -6.99 -0.14
CA THR A 259 -7.81 -7.03 -0.88
C THR A 259 -6.59 -6.72 0.02
N GLN A 260 -6.83 -6.27 1.26
CA GLN A 260 -5.76 -5.92 2.20
C GLN A 260 -5.38 -7.08 3.14
N PRO A 261 -4.08 -7.15 3.52
CA PRO A 261 -3.68 -8.13 4.53
C PRO A 261 -4.22 -7.77 5.91
N GLY A 262 -4.47 -8.79 6.72
CA GLY A 262 -4.96 -8.63 8.08
C GLY A 262 -5.48 -9.94 8.63
N VAL A 263 -6.08 -9.88 9.81
CA VAL A 263 -6.38 -11.10 10.60
C VAL A 263 -7.78 -11.64 10.32
N VAL A 264 -8.59 -10.86 9.59
CA VAL A 264 -9.95 -11.28 9.27
C VAL A 264 -9.96 -11.71 7.81
N THR A 265 -9.51 -12.93 7.60
CA THR A 265 -9.45 -13.53 6.29
C THR A 265 -10.85 -14.04 5.89
N PRO A 266 -11.17 -14.03 4.60
CA PRO A 266 -12.43 -14.61 4.14
C PRO A 266 -12.72 -16.00 4.67
N GLN A 267 -11.70 -16.85 4.70
CA GLN A 267 -11.90 -18.21 5.21
C GLN A 267 -12.21 -18.29 6.71
N ARG A 268 -11.64 -17.38 7.50
CA ARG A 268 -11.92 -17.32 8.93
C ARG A 268 -13.40 -16.96 9.16
N LEU A 269 -13.89 -15.96 8.43
CA LEU A 269 -15.30 -15.62 8.41
C LEU A 269 -16.17 -16.82 8.02
N GLN A 270 -15.84 -17.55 6.97
CA GLN A 270 -16.63 -18.72 6.57
C GLN A 270 -16.59 -19.85 7.62
N ASP A 271 -15.44 -20.05 8.25
CA ASP A 271 -15.30 -21.03 9.32
C ASP A 271 -16.15 -20.68 10.56
N PHE A 272 -16.24 -19.40 10.87
CA PHE A 272 -17.06 -18.92 11.97
C PHE A 272 -18.52 -19.14 11.63
N TRP A 273 -18.87 -18.78 10.40
CA TRP A 273 -20.23 -18.95 9.90
C TRP A 273 -20.69 -20.41 10.03
N ASP A 274 -19.82 -21.33 9.67
CA ASP A 274 -20.15 -22.76 9.74
C ASP A 274 -20.12 -23.29 11.16
N LYS A 275 -19.17 -22.79 11.97
CA LYS A 275 -19.00 -23.27 13.35
C LYS A 275 -20.27 -23.01 14.15
N TYR A 276 -20.91 -21.87 13.90
CA TYR A 276 -22.07 -21.45 14.67
C TYR A 276 -23.41 -21.68 13.97
N ALA A 277 -23.40 -22.40 12.84
CA ALA A 277 -24.62 -22.72 12.11
C ALA A 277 -25.44 -21.45 11.79
N LEU A 278 -24.80 -20.37 11.38
CA LEU A 278 -25.54 -19.15 11.15
C LEU A 278 -26.40 -19.35 9.90
N THR A 279 -27.48 -18.58 9.77
CA THR A 279 -28.44 -18.74 8.68
C THR A 279 -28.83 -17.42 8.04
N ASP A 280 -29.46 -16.54 8.81
CA ASP A 280 -29.93 -15.25 8.28
C ASP A 280 -29.21 -14.05 8.86
N GLN A 281 -28.15 -14.29 9.65
CA GLN A 281 -27.44 -13.18 10.32
C GLN A 281 -26.37 -12.58 9.42
N THR A 282 -26.83 -11.70 8.52
CA THR A 282 -26.03 -11.19 7.39
C THR A 282 -24.67 -10.62 7.82
N PHE A 283 -23.64 -11.03 7.10
CA PHE A 283 -22.32 -10.47 7.22
C PHE A 283 -22.27 -9.31 6.20
N PHE A 284 -22.56 -8.10 6.67
CA PHE A 284 -22.48 -6.91 5.84
C PHE A 284 -21.04 -6.36 5.79
N ALA A 285 -20.47 -6.29 4.60
CA ALA A 285 -19.17 -5.69 4.41
C ALA A 285 -19.35 -4.21 4.66
N GLU A 286 -18.53 -3.69 5.57
CA GLU A 286 -18.50 -2.29 5.93
C GLU A 286 -17.08 -1.76 5.76
N ILE A 287 -16.83 -1.29 4.54
CA ILE A 287 -15.51 -0.95 4.07
C ILE A 287 -15.49 0.55 3.89
N LEU A 288 -14.50 1.19 4.49
CA LEU A 288 -14.39 2.64 4.44
C LEU A 288 -13.17 3.06 3.59
N TYR A 289 -13.40 4.02 2.71
CA TYR A 289 -12.38 4.47 1.81
C TYR A 289 -12.16 5.94 2.08
N PRO A 290 -10.89 6.38 2.02
CA PRO A 290 -10.65 7.82 2.15
C PRO A 290 -11.50 8.60 1.12
N PHE A 291 -12.03 9.77 1.49
CA PHE A 291 -12.77 10.62 0.54
C PHE A 291 -11.96 10.90 -0.74
N GLU A 292 -10.66 11.12 -0.56
CA GLU A 292 -9.78 11.55 -1.63
C GLU A 292 -9.36 10.40 -2.59
N ALA A 293 -9.73 9.17 -2.26
CA ALA A 293 -9.51 8.08 -3.20
C ALA A 293 -10.41 8.27 -4.42
N ARG A 294 -9.93 7.86 -5.59
CA ARG A 294 -10.66 8.07 -6.84
C ARG A 294 -11.80 7.05 -6.98
N ASP A 295 -12.92 7.51 -7.53
CA ASP A 295 -14.12 6.68 -7.73
C ASP A 295 -13.78 5.33 -8.35
N GLU A 296 -13.06 5.36 -9.46
CA GLU A 296 -12.77 4.12 -10.19
C GLU A 296 -11.90 3.17 -9.38
N ASP A 297 -11.04 3.70 -8.52
CA ASP A 297 -10.17 2.86 -7.67
C ASP A 297 -10.95 2.17 -6.54
N VAL A 298 -11.91 2.89 -5.96
CA VAL A 298 -12.79 2.39 -4.92
C VAL A 298 -13.63 1.25 -5.51
N LEU A 299 -14.24 1.52 -6.64
CA LEU A 299 -15.09 0.52 -7.32
C LEU A 299 -14.29 -0.74 -7.64
N ALA A 300 -13.10 -0.58 -8.24
CA ALA A 300 -12.29 -1.75 -8.57
C ALA A 300 -11.94 -2.55 -7.34
N ASP A 301 -11.61 -1.87 -6.26
CA ASP A 301 -11.20 -2.55 -5.02
C ASP A 301 -12.35 -3.28 -4.35
N ILE A 303 -15.05 -4.52 -5.84
CA ILE A 303 -15.30 -5.72 -6.67
C ILE A 303 -14.32 -6.82 -6.33
N ALA A 304 -13.02 -6.50 -6.24
CA ALA A 304 -12.01 -7.52 -5.94
C ALA A 304 -12.24 -8.00 -4.51
N SER A 305 -12.68 -7.11 -3.63
CA SER A 305 -12.95 -7.49 -2.24
C SER A 305 -14.13 -8.47 -2.10
N VAL A 306 -15.23 -8.18 -2.80
CA VAL A 306 -16.38 -9.11 -2.82
C VAL A 306 -16.00 -10.48 -3.50
N LYS A 307 -15.21 -10.45 -4.57
CA LYS A 307 -14.70 -11.70 -5.15
C LYS A 307 -13.90 -12.51 -4.13
N ALA A 308 -13.08 -11.84 -3.32
CA ALA A 308 -12.26 -12.50 -2.31
C ALA A 308 -13.17 -13.17 -1.28
N LEU A 309 -14.21 -12.46 -0.84
CA LEU A 309 -15.16 -13.01 0.15
C LEU A 309 -15.92 -14.21 -0.41
N LYS A 310 -16.38 -14.09 -1.65
CA LYS A 310 -17.09 -15.24 -2.30
C LYS A 310 -16.21 -16.46 -2.54
N ALA A 311 -14.89 -16.27 -2.56
CA ALA A 311 -13.91 -17.31 -2.77
C ALA A 311 -13.69 -18.23 -1.57
N ALA A 312 -14.21 -17.87 -0.41
CA ALA A 312 -14.07 -18.70 0.79
C ALA A 312 -14.78 -20.05 0.63
N SER A 313 -14.26 -21.06 1.31
CA SER A 313 -14.71 -22.43 1.08
C SER A 313 -15.60 -22.94 2.23
N PRO A 314 -16.89 -23.14 1.95
CA PRO A 314 -17.81 -23.63 2.98
C PRO A 314 -17.63 -25.11 3.27
N ALA A 315 -17.84 -25.51 4.52
CA ALA A 315 -17.71 -26.91 4.97
C ALA A 315 -18.69 -27.78 4.21
N GLY B 19 5.86 34.88 16.73
CA GLY B 19 5.82 34.08 15.47
C GLY B 19 4.45 34.01 14.76
N LYS B 21 0.67 33.29 13.75
CA LYS B 21 -0.58 33.27 14.50
C LYS B 21 -1.20 31.85 14.50
N LEU B 22 -1.06 31.14 15.62
CA LEU B 22 -1.60 29.80 15.73
C LEU B 22 -3.03 29.77 16.33
N GLY B 23 -3.82 28.81 15.85
CA GLY B 23 -5.11 28.49 16.44
C GLY B 23 -5.41 27.02 16.48
N VAL B 24 -6.60 26.69 16.94
CA VAL B 24 -7.03 25.32 16.96
C VAL B 24 -8.49 25.21 16.52
N ASN B 25 -8.74 24.29 15.61
CA ASN B 25 -10.09 23.91 15.27
C ASN B 25 -10.45 22.85 16.30
N LEU B 26 -11.64 22.96 16.87
CA LEU B 26 -12.07 22.03 17.94
C LEU B 26 -12.38 20.60 17.49
N CYS B 27 -12.09 20.25 16.24
CA CYS B 27 -12.29 18.89 15.78
C CYS B 27 -11.56 17.86 16.63
N PHE B 28 -10.45 18.24 17.25
CA PHE B 28 -9.71 17.28 18.13
C PHE B 28 -10.54 16.82 19.33
N ALA B 29 -11.50 17.62 19.75
CA ALA B 29 -12.26 17.38 20.98
C ALA B 29 -13.57 16.69 20.75
N VAL B 30 -13.91 16.42 19.49
CA VAL B 30 -15.20 15.88 19.13
C VAL B 30 -15.48 14.60 19.96
N LYS B 31 -16.67 14.55 20.56
CA LYS B 31 -17.16 13.43 21.40
C LYS B 31 -16.53 13.36 22.77
N ARG B 32 -15.47 14.13 23.02
CA ARG B 32 -14.62 13.91 24.19
C ARG B 32 -14.83 15.01 25.23
N TRP B 33 -14.15 16.14 25.09
CA TRP B 33 -14.22 17.22 26.10
C TRP B 33 -15.36 18.17 25.73
N LEU B 34 -16.59 17.77 26.09
CA LEU B 34 -17.79 18.46 25.68
C LEU B 34 -18.23 19.58 26.63
N GLU B 35 -17.87 19.50 27.91
CA GLU B 35 -18.32 20.50 28.89
C GLU B 35 -17.74 21.86 28.52
N PRO B 36 -18.60 22.88 28.30
CA PRO B 36 -18.06 24.13 27.75
C PRO B 36 -16.89 24.76 28.53
N ASP B 37 -17.00 24.85 29.86
CA ASP B 37 -15.90 25.40 30.66
C ASP B 37 -14.65 24.50 30.67
N ARG B 38 -14.85 23.18 30.61
CA ARG B 38 -13.74 22.26 30.57
C ARG B 38 -13.00 22.40 29.24
N LEU B 39 -13.74 22.56 28.17
CA LEU B 39 -13.10 22.69 26.86
C LEU B 39 -12.37 24.00 26.72
N ALA B 40 -12.97 25.09 27.20
CA ALA B 40 -12.32 26.37 27.12
C ALA B 40 -11.03 26.29 27.92
N GLY B 41 -11.10 25.75 29.14
CA GLY B 41 -9.92 25.59 29.99
C GLY B 41 -8.80 24.76 29.40
N LEU B 42 -9.18 23.68 28.70
CA LEU B 42 -8.23 22.85 27.99
C LEU B 42 -7.46 23.65 26.93
N VAL B 43 -8.20 24.40 26.09
CA VAL B 43 -7.58 25.22 25.05
C VAL B 43 -6.67 26.30 25.65
N ARG B 44 -7.17 26.99 26.67
CA ARG B 44 -6.36 28.01 27.33
C ARG B 44 -5.13 27.47 28.13
N ASP B 45 -5.40 26.55 29.05
CA ASP B 45 -4.40 26.07 30.03
C ASP B 45 -3.53 24.94 29.49
N ASP B 46 -4.13 23.94 28.85
CA ASP B 46 -3.35 22.84 28.27
C ASP B 46 -2.66 23.15 26.95
N LEU B 47 -3.35 23.79 26.01
CA LEU B 47 -2.77 24.07 24.69
C LEU B 47 -2.04 25.40 24.67
N GLY B 48 -2.43 26.31 25.55
CA GLY B 48 -1.88 27.65 25.58
C GLY B 48 -2.16 28.41 24.30
N LEU B 49 -3.39 28.26 23.76
CA LEU B 49 -3.80 28.94 22.54
C LEU B 49 -4.98 29.84 22.85
N GLU B 50 -5.21 30.79 21.96
CA GLU B 50 -6.17 31.86 22.14
C GLU B 50 -7.23 31.88 21.02
N TYR B 51 -6.83 31.53 19.80
CA TYR B 51 -7.69 31.68 18.65
C TYR B 51 -8.28 30.33 18.28
N VAL B 52 -9.59 30.31 18.17
CA VAL B 52 -10.30 29.08 18.08
C VAL B 52 -11.27 29.14 16.87
N GLN B 53 -11.37 28.03 16.19
CA GLN B 53 -12.43 27.80 15.21
C GLN B 53 -13.33 26.64 15.75
N TYR B 54 -14.60 26.97 15.94
CA TYR B 54 -15.59 26.05 16.44
C TYR B 54 -16.02 25.14 15.30
N THR B 55 -16.18 23.87 15.58
CA THR B 55 -16.61 22.90 14.58
C THR B 55 -18.11 22.57 14.64
N TYR B 56 -18.76 22.48 13.48
CA TYR B 56 -20.15 21.98 13.43
C TYR B 56 -20.23 20.58 14.05
N ASP B 57 -19.12 19.88 14.13
CA ASP B 57 -19.12 18.50 14.73
C ASP B 57 -19.36 18.52 16.27
N LEU B 58 -19.49 19.67 16.88
CA LEU B 58 -19.92 19.80 18.27
C LEU B 58 -21.44 20.07 18.45
N THR B 59 -22.03 20.89 17.57
CA THR B 59 -23.46 21.12 17.57
C THR B 59 -23.93 21.19 16.13
N ASP B 60 -24.73 20.21 15.73
CA ASP B 60 -25.18 20.05 14.36
C ASP B 60 -26.15 21.18 13.96
N PRO B 61 -25.84 21.89 12.89
CA PRO B 61 -26.73 22.89 12.33
C PRO B 61 -28.17 22.41 12.18
N TRP B 62 -28.36 21.13 11.83
CA TRP B 62 -29.70 20.60 11.62
C TRP B 62 -30.53 20.40 12.90
N TRP B 63 -29.90 20.47 14.07
CA TRP B 63 -30.62 20.18 15.28
C TRP B 63 -31.64 21.27 15.44
N PRO B 64 -32.77 20.96 16.05
CA PRO B 64 -33.74 22.02 16.42
C PRO B 64 -33.08 23.26 17.07
N ASP B 65 -33.50 24.43 16.64
CA ASP B 65 -32.68 25.59 16.93
C ASP B 65 -32.59 25.96 18.41
N ILE B 66 -33.66 25.73 19.17
CA ILE B 66 -33.68 26.04 20.61
C ILE B 66 -32.56 25.31 21.34
N GLU B 67 -32.53 23.97 21.22
CA GLU B 67 -31.50 23.18 21.91
C GLU B 67 -30.09 23.37 21.30
N ARG B 68 -30.00 23.44 19.98
CA ARG B 68 -28.75 23.63 19.29
C ARG B 68 -28.10 24.93 19.75
N ASP B 69 -28.87 26.02 19.72
CA ASP B 69 -28.32 27.34 20.04
C ASP B 69 -28.01 27.49 21.54
N ARG B 70 -28.82 26.86 22.39
CA ARG B 70 -28.56 26.86 23.83
C ARG B 70 -27.18 26.30 24.12
N ARG B 71 -26.84 25.19 23.47
CA ARG B 71 -25.53 24.58 23.63
C ARG B 71 -24.43 25.39 22.92
N ALA B 72 -24.70 25.93 21.73
CA ALA B 72 -23.67 26.66 21.02
C ALA B 72 -23.32 27.96 21.77
N ILE B 73 -24.34 28.62 22.29
CA ILE B 73 -24.18 29.80 23.10
C ILE B 73 -23.44 29.47 24.38
N ALA B 74 -23.68 28.31 24.99
CA ALA B 74 -22.93 27.93 26.20
C ALA B 74 -21.42 27.83 25.86
N TYR B 75 -21.07 27.27 24.71
CA TYR B 75 -19.69 27.28 24.23
C TYR B 75 -19.15 28.67 24.03
N ALA B 76 -19.93 29.51 23.33
CA ALA B 76 -19.49 30.86 23.02
C ALA B 76 -19.18 31.59 24.35
N LYS B 77 -20.07 31.49 25.34
CA LYS B 77 -19.91 32.14 26.64
C LYS B 77 -18.66 31.62 27.38
N ALA B 78 -18.48 30.30 27.37
CA ALA B 78 -17.38 29.69 28.10
C ALA B 78 -16.07 30.15 27.49
N PHE B 79 -16.00 30.19 26.17
CA PHE B 79 -14.80 30.66 25.49
C PHE B 79 -14.51 32.13 25.74
N ARG B 80 -15.53 33.00 25.70
CA ARG B 80 -15.36 34.43 26.02
C ARG B 80 -14.80 34.57 27.44
N LYS B 81 -15.39 33.83 28.37
CA LYS B 81 -15.06 33.90 29.81
C LYS B 81 -13.59 33.48 30.06
N ALA B 82 -13.11 32.51 29.32
CA ALA B 82 -11.73 32.03 29.41
C ALA B 82 -10.77 32.97 28.66
N GLY B 83 -11.27 34.00 28.00
CA GLY B 83 -10.43 34.95 27.27
C GLY B 83 -9.99 34.47 25.88
N LEU B 84 -10.66 33.45 25.33
CA LEU B 84 -10.39 32.93 24.00
C LEU B 84 -11.29 33.63 22.95
N THR B 85 -10.85 33.67 21.71
CA THR B 85 -11.61 34.27 20.62
C THR B 85 -12.02 33.21 19.64
N ILE B 86 -13.33 32.94 19.55
CA ILE B 86 -13.82 32.10 18.48
C ILE B 86 -13.95 32.97 17.20
N GLU B 87 -13.02 32.81 16.28
CA GLU B 87 -12.99 33.63 15.07
C GLU B 87 -13.99 33.15 14.03
N SER B 88 -14.33 31.87 14.03
CA SER B 88 -15.29 31.34 13.05
C SER B 88 -15.77 29.97 13.46
N THR B 89 -16.89 29.55 12.89
CA THR B 89 -17.37 28.19 12.95
C THR B 89 -17.10 27.55 11.61
N PHE B 90 -17.05 26.23 11.54
CA PHE B 90 -16.69 25.59 10.32
C PHE B 90 -17.21 24.19 10.25
N GLY B 91 -17.56 23.79 9.03
CA GLY B 91 -17.99 22.46 8.79
C GLY B 91 -16.98 21.42 9.20
N GLY B 92 -17.49 20.26 9.61
CA GLY B 92 -16.65 19.13 9.94
C GLY B 92 -17.05 17.90 9.19
N LEU B 93 -16.83 16.75 9.81
CA LEU B 93 -17.07 15.48 9.11
C LEU B 93 -18.53 15.13 8.91
N ALA B 94 -19.40 15.49 9.84
CA ALA B 94 -20.83 15.20 9.71
C ALA B 94 -21.39 15.94 8.50
N SER B 95 -21.00 17.19 8.38
CA SER B 95 -21.40 18.02 7.25
C SER B 95 -20.79 17.51 5.96
N TYR B 96 -19.49 17.19 6.00
CA TYR B 96 -18.75 16.82 4.77
C TYR B 96 -19.19 15.51 4.20
N THR B 97 -19.95 14.71 4.99
CA THR B 97 -20.52 13.43 4.56
C THR B 97 -21.46 13.52 3.32
N TYR B 98 -22.13 14.67 3.18
CA TYR B 98 -23.14 14.84 2.15
C TYR B 98 -22.63 15.80 1.05
N ASN B 99 -23.37 15.85 -0.05
CA ASN B 99 -22.88 16.57 -1.25
C ASN B 99 -23.24 18.04 -1.36
N HIS B 100 -24.32 18.46 -0.68
CA HIS B 100 -24.67 19.85 -0.50
C HIS B 100 -24.84 20.56 -1.87
N PHE B 101 -24.04 21.59 -2.10
CA PHE B 101 -24.30 22.52 -3.18
C PHE B 101 -24.03 22.02 -4.58
N LEU B 102 -23.24 20.96 -4.69
CA LEU B 102 -22.94 20.36 -5.98
C LEU B 102 -23.64 19.01 -6.20
N ALA B 103 -24.59 18.70 -5.32
CA ALA B 103 -25.37 17.45 -5.40
C ALA B 103 -26.13 17.30 -6.72
N PRO B 104 -26.52 16.08 -7.06
CA PRO B 104 -27.06 15.81 -8.41
C PRO B 104 -28.52 16.16 -8.60
N THR B 105 -29.24 16.58 -7.55
CA THR B 105 -30.62 17.05 -7.76
C THR B 105 -30.73 18.45 -7.15
N LEU B 106 -31.62 19.26 -7.72
CA LEU B 106 -31.94 20.53 -7.14
C LEU B 106 -32.43 20.42 -5.66
N GLU B 107 -33.17 19.37 -5.38
CA GLU B 107 -33.66 19.23 -4.02
C GLU B 107 -32.47 19.00 -3.05
N LEU B 108 -31.48 18.22 -3.47
CA LEU B 108 -30.33 17.98 -2.60
C LEU B 108 -29.49 19.24 -2.49
N GLN B 109 -29.41 20.04 -3.57
CA GLN B 109 -28.67 21.27 -3.52
C GLN B 109 -29.39 22.24 -2.54
N SER B 110 -30.72 22.25 -2.57
CA SER B 110 -31.51 23.08 -1.63
C SER B 110 -31.33 22.66 -0.18
N LEU B 111 -31.07 21.38 0.06
CA LEU B 111 -30.73 20.95 1.43
C LEU B 111 -29.34 21.42 1.86
N GLY B 112 -28.45 21.62 0.90
CA GLY B 112 -27.18 22.28 1.13
C GLY B 112 -27.41 23.72 1.53
N TYR B 113 -28.22 24.45 0.76
CA TYR B 113 -28.63 25.83 1.13
C TYR B 113 -29.14 25.88 2.56
N GLN B 114 -30.10 25.03 2.87
CA GLN B 114 -30.70 25.01 4.22
C GLN B 114 -29.68 24.66 5.33
N HIS B 115 -28.75 23.73 5.06
CA HIS B 115 -27.65 23.40 6.00
C HIS B 115 -26.83 24.61 6.34
N LEU B 116 -26.39 25.33 5.29
CA LEU B 116 -25.55 26.49 5.53
C LEU B 116 -26.34 27.65 6.16
N LYS B 117 -27.57 27.82 5.72
CA LYS B 117 -28.48 28.79 6.33
C LYS B 117 -28.58 28.55 7.83
N ARG B 118 -28.83 27.30 8.21
CA ARG B 118 -28.89 26.92 9.64
C ARG B 118 -27.58 27.08 10.37
N ALA B 119 -26.45 26.74 9.71
CA ALA B 119 -25.13 26.96 10.29
C ALA B 119 -24.90 28.47 10.50
N ILE B 120 -25.32 29.30 9.56
CA ILE B 120 -25.28 30.78 9.74
C ILE B 120 -26.08 31.29 10.94
N ASP B 121 -27.32 30.81 11.07
CA ASP B 121 -28.13 31.08 12.28
C ASP B 121 -27.38 30.70 13.58
N THR B 123 -24.15 30.31 14.09
CA THR B 123 -22.99 31.15 14.21
C THR B 123 -23.41 32.52 14.72
N ALA B 124 -24.53 33.03 14.23
CA ALA B 124 -25.05 34.32 14.70
C ALA B 124 -25.51 34.21 16.17
N ALA B 125 -26.12 33.11 16.56
CA ALA B 125 -26.44 32.92 17.99
C ALA B 125 -25.18 32.98 18.88
N GLU B 127 -22.59 34.81 18.26
CA GLU B 127 -21.99 36.12 18.01
C GLU B 127 -20.58 35.97 17.45
N VAL B 128 -20.42 35.00 16.56
CA VAL B 128 -19.16 34.67 15.90
C VAL B 128 -19.26 35.28 14.47
N PRO B 129 -18.20 35.96 14.00
CA PRO B 129 -18.29 36.79 12.77
C PRO B 129 -18.29 36.06 11.45
N ALA B 130 -17.95 34.75 11.44
CA ALA B 130 -17.71 34.10 10.17
C ALA B 130 -17.99 32.61 10.26
N THR B 131 -18.38 32.01 9.13
CA THR B 131 -18.49 30.54 9.02
C THR B 131 -18.14 30.10 7.62
N GLY B 132 -17.93 28.80 7.47
CA GLY B 132 -17.60 28.28 6.18
C GLY B 132 -17.55 26.82 6.13
N PRO B 134 -16.35 23.36 3.04
CA PRO B 134 -16.14 23.05 1.66
C PRO B 134 -17.41 23.31 0.90
N PHE B 135 -17.29 23.53 -0.40
CA PHE B 135 -18.39 23.99 -1.21
C PHE B 135 -19.43 22.92 -1.52
N GLY B 136 -18.97 21.67 -1.65
CA GLY B 136 -19.84 20.56 -1.99
C GLY B 136 -19.18 19.53 -2.92
N SER B 137 -19.97 18.65 -3.46
CA SER B 137 -19.41 17.47 -4.12
C SER B 137 -20.32 16.93 -5.23
N TYR B 138 -19.72 16.53 -6.39
CA TYR B 138 -20.49 15.96 -7.48
C TYR B 138 -20.64 14.46 -7.31
N SER B 139 -21.76 13.90 -7.77
CA SER B 139 -21.87 12.48 -7.91
C SER B 139 -20.79 11.95 -8.86
N ALA B 140 -20.63 10.62 -8.85
CA ALA B 140 -19.65 9.99 -9.73
C ALA B 140 -19.95 10.29 -11.18
N ALA B 141 -21.22 10.20 -11.59
CA ALA B 141 -21.60 10.46 -12.99
C ALA B 141 -21.38 11.93 -13.38
N ASP B 142 -21.88 12.83 -12.53
CA ASP B 142 -21.79 14.25 -12.76
C ASP B 142 -20.34 14.75 -12.81
N ALA B 143 -19.45 14.16 -11.99
CA ALA B 143 -18.05 14.53 -11.95
C ALA B 143 -17.36 14.38 -13.30
N LEU B 144 -17.85 13.46 -14.13
CA LEU B 144 -17.28 13.15 -15.43
C LEU B 144 -17.88 14.02 -16.56
N ASN B 145 -18.80 14.92 -16.23
CA ASN B 145 -19.57 15.62 -17.27
C ASN B 145 -19.46 17.13 -17.06
N PRO B 146 -18.60 17.78 -17.83
CA PRO B 146 -18.33 19.18 -17.61
C PRO B 146 -19.57 20.07 -17.79
N ALA B 147 -20.45 19.77 -18.75
CA ALA B 147 -21.66 20.57 -18.90
C ALA B 147 -22.54 20.45 -17.67
N ARG B 148 -22.63 19.23 -17.15
CA ARG B 148 -23.40 19.00 -15.95
C ARG B 148 -22.81 19.69 -14.74
N ARG B 149 -21.50 19.62 -14.59
CA ARG B 149 -20.81 20.32 -13.54
C ARG B 149 -21.08 21.80 -13.52
N GLU B 150 -21.01 22.42 -14.69
CA GLU B 150 -21.21 23.87 -14.80
C GLU B 150 -22.66 24.30 -14.52
N GLU B 151 -23.64 23.52 -14.96
CA GLU B 151 -25.04 23.81 -14.72
C GLU B 151 -25.32 23.77 -13.19
N ILE B 152 -24.84 22.74 -12.53
CA ILE B 152 -24.95 22.57 -11.09
C ILE B 152 -24.26 23.70 -10.37
N TYR B 153 -23.00 23.93 -10.76
CA TYR B 153 -22.23 25.03 -10.21
C TYR B 153 -22.93 26.40 -10.35
N ALA B 154 -23.58 26.68 -11.48
CA ALA B 154 -24.21 28.02 -11.65
C ALA B 154 -25.30 28.23 -10.56
N ILE B 155 -26.09 27.19 -10.30
CA ILE B 155 -27.08 27.16 -9.22
C ILE B 155 -26.36 27.35 -7.89
N ALA B 156 -25.31 26.56 -7.63
CA ALA B 156 -24.57 26.68 -6.37
C ALA B 156 -24.06 28.12 -6.14
N ARG B 157 -23.46 28.70 -7.17
CA ARG B 157 -22.89 30.04 -7.06
C ARG B 157 -23.99 31.06 -6.71
N ASP B 158 -25.18 30.93 -7.31
CA ASP B 158 -26.28 31.86 -7.00
C ASP B 158 -26.79 31.67 -5.55
N TRP B 160 -24.92 30.79 -2.96
CA TRP B 160 -23.96 31.49 -2.07
C TRP B 160 -24.11 33.04 -2.08
N ILE B 161 -24.45 33.62 -3.23
CA ILE B 161 -24.85 35.02 -3.25
C ILE B 161 -26.03 35.27 -2.30
N GLU B 162 -27.10 34.50 -2.43
CA GLU B 162 -28.24 34.66 -1.52
C GLU B 162 -27.85 34.43 -0.03
N LEU B 163 -27.02 33.40 0.21
CA LEU B 163 -26.60 33.08 1.60
C LEU B 163 -25.67 34.15 2.18
N ALA B 164 -24.83 34.77 1.34
CA ALA B 164 -24.04 35.91 1.83
C ALA B 164 -24.95 37.04 2.30
N ALA B 165 -26.03 37.32 1.53
CA ALA B 165 -26.98 38.39 1.86
C ALA B 165 -27.65 38.05 3.22
N TYR B 166 -28.13 36.82 3.32
CA TYR B 166 -28.73 36.30 4.58
C TYR B 166 -27.76 36.45 5.77
N ALA B 167 -26.54 36.00 5.58
CA ALA B 167 -25.49 36.08 6.60
C ALA B 167 -25.26 37.51 7.05
N LYS B 168 -25.24 38.44 6.09
CA LYS B 168 -25.12 39.86 6.41
C LYS B 168 -26.28 40.35 7.30
N ARG B 169 -27.51 39.97 6.92
CA ARG B 169 -28.69 40.32 7.74
C ARG B 169 -28.63 39.69 9.15
N GLN B 170 -27.95 38.54 9.33
CA GLN B 170 -27.79 37.94 10.65
C GLN B 170 -26.61 38.54 11.43
N GLY B 171 -25.81 39.36 10.77
CA GLY B 171 -24.75 40.14 11.42
C GLY B 171 -23.35 39.54 11.22
N LEU B 172 -23.24 38.45 10.47
CA LEU B 172 -21.95 37.91 10.08
C LEU B 172 -21.16 38.88 9.15
N SER B 173 -19.84 38.78 9.18
CA SER B 173 -18.94 39.60 8.34
C SER B 173 -18.26 38.86 7.18
N LEU B 175 -17.95 34.80 4.89
CA LEU B 175 -18.07 33.35 4.74
C LEU B 175 -16.81 32.77 4.14
N TYR B 176 -16.53 31.49 4.39
CA TYR B 176 -15.40 30.86 3.72
C TYR B 176 -15.79 29.63 2.96
N VAL B 177 -15.00 29.37 1.91
CA VAL B 177 -14.99 28.10 1.18
C VAL B 177 -13.59 27.44 1.33
N GLU B 178 -13.56 26.16 1.65
CA GLU B 178 -12.36 25.38 1.79
C GLU B 178 -12.16 24.43 0.61
N PRO B 179 -11.16 24.69 -0.24
CA PRO B 179 -10.95 23.80 -1.37
C PRO B 179 -10.50 22.44 -0.88
N VAL B 180 -10.72 21.44 -1.71
CA VAL B 180 -10.50 20.04 -1.35
C VAL B 180 -9.65 19.27 -2.39
N PRO B 181 -8.94 18.23 -1.94
CA PRO B 181 -8.07 17.41 -2.81
C PRO B 181 -8.81 16.30 -3.59
N LEU B 182 -9.93 16.69 -4.19
CA LEU B 182 -10.76 15.74 -4.96
C LEU B 182 -11.13 16.34 -6.32
N ALA B 183 -10.95 15.57 -7.39
CA ALA B 183 -11.31 16.00 -8.79
C ALA B 183 -12.83 16.04 -8.98
N THR B 184 -13.52 15.28 -8.12
CA THR B 184 -14.99 15.16 -8.12
C THR B 184 -15.73 16.23 -7.33
N GLU B 185 -14.99 17.18 -6.76
CA GLU B 185 -15.55 18.28 -6.03
C GLU B 185 -14.99 19.58 -6.65
N PHE B 186 -15.49 20.73 -6.21
CA PHE B 186 -15.01 22.02 -6.67
C PHE B 186 -15.21 23.02 -5.52
N PRO B 187 -14.26 23.93 -5.26
CA PRO B 187 -12.96 24.05 -5.87
C PRO B 187 -11.96 23.00 -5.33
N SER B 188 -11.13 22.48 -6.25
N SER B 188 -11.14 22.46 -6.24
CA SER B 188 -10.06 21.56 -5.92
CA SER B 188 -10.03 21.58 -5.87
C SER B 188 -8.67 22.25 -5.98
C SER B 188 -8.68 22.31 -5.96
N SER B 189 -8.35 22.75 -7.17
CA SER B 189 -7.08 23.37 -7.47
C SER B 189 -7.05 24.85 -7.16
N ALA B 190 -5.86 25.42 -7.16
CA ALA B 190 -5.73 26.88 -6.92
C ALA B 190 -6.44 27.63 -8.05
N ALA B 191 -6.37 27.10 -9.26
CA ALA B 191 -7.12 27.68 -10.41
C ALA B 191 -8.64 27.62 -10.17
N ASP B 192 -9.15 26.51 -9.66
CA ASP B 192 -10.59 26.42 -9.35
C ASP B 192 -10.97 27.47 -8.31
N ALA B 193 -10.17 27.59 -7.26
CA ALA B 193 -10.48 28.54 -6.19
C ALA B 193 -10.45 29.97 -6.70
N ALA B 194 -9.50 30.28 -7.59
CA ALA B 194 -9.41 31.62 -8.23
C ALA B 194 -10.69 31.97 -8.99
N ARG B 195 -11.24 30.99 -9.70
CA ARG B 195 -12.45 31.16 -10.50
C ARG B 195 -13.69 31.38 -9.60
N LEU B 196 -13.81 30.61 -8.53
CA LEU B 196 -14.89 30.79 -7.55
C LEU B 196 -14.78 32.17 -6.95
N ALA B 198 -13.27 34.97 -8.13
CA ALA B 198 -13.69 35.93 -9.15
C ALA B 198 -15.21 35.95 -9.41
N ASP B 199 -15.86 34.80 -9.40
CA ASP B 199 -17.30 34.73 -9.65
C ASP B 199 -18.14 35.44 -8.56
N LEU B 200 -17.62 35.45 -7.32
CA LEU B 200 -18.34 36.00 -6.19
C LEU B 200 -17.94 37.42 -5.83
N ASP B 201 -16.71 37.80 -6.16
CA ASP B 201 -16.22 39.12 -5.81
C ASP B 201 -17.06 40.24 -6.50
N GLY B 202 -17.56 41.17 -5.71
CA GLY B 202 -18.47 42.21 -6.18
C GLY B 202 -19.91 41.78 -6.36
N ARG B 203 -20.23 40.52 -6.04
CA ARG B 203 -21.60 40.05 -6.19
C ARG B 203 -22.25 39.66 -4.83
N THR B 204 -21.49 39.75 -3.73
CA THR B 204 -21.93 39.27 -2.43
C THR B 204 -21.93 40.41 -1.41
N GLU B 205 -22.94 40.43 -0.55
CA GLU B 205 -23.13 41.58 0.35
C GLU B 205 -22.09 41.60 1.50
N ILE B 206 -21.48 40.45 1.75
CA ILE B 206 -20.29 40.35 2.61
C ILE B 206 -19.28 39.53 1.82
N PRO B 207 -17.99 39.66 2.14
CA PRO B 207 -16.98 38.93 1.39
C PRO B 207 -17.09 37.42 1.58
N VAL B 208 -16.85 36.70 0.50
CA VAL B 208 -16.67 35.26 0.58
C VAL B 208 -15.18 35.00 0.23
N ARG B 209 -14.48 34.33 1.14
CA ARG B 209 -13.05 34.16 1.05
C ARG B 209 -12.68 32.69 1.13
N LEU B 210 -11.41 32.40 0.96
CA LEU B 210 -10.86 31.08 0.98
C LEU B 210 -10.24 30.79 2.33
N LEU B 211 -10.50 29.59 2.82
CA LEU B 211 -9.73 29.00 3.88
C LEU B 211 -8.97 27.84 3.23
N VAL B 212 -7.64 27.90 3.28
CA VAL B 212 -6.82 26.90 2.61
C VAL B 212 -6.20 25.96 3.64
N ASP B 213 -6.44 24.68 3.41
CA ASP B 213 -5.93 23.61 4.23
C ASP B 213 -4.64 23.07 3.59
N TRP B 214 -3.55 23.22 4.33
CA TRP B 214 -2.22 22.78 3.89
C TRP B 214 -2.19 21.31 3.39
N GLY B 215 -2.95 20.44 4.03
CA GLY B 215 -2.96 19.03 3.63
C GLY B 215 -3.70 18.78 2.32
N HIS B 216 -4.63 19.68 2.00
CA HIS B 216 -5.37 19.64 0.75
C HIS B 216 -4.53 20.15 -0.41
N ALA B 217 -3.91 21.30 -0.20
CA ALA B 217 -3.04 21.92 -1.20
C ALA B 217 -1.84 20.99 -1.53
N LEU B 218 -1.25 20.39 -0.52
CA LEU B 218 -0.04 19.55 -0.72
C LEU B 218 -0.34 18.09 -1.07
N PHE B 219 -1.57 17.80 -1.48
CA PHE B 219 -1.95 16.43 -1.87
C PHE B 219 -1.37 16.13 -3.27
N GLU B 220 -0.37 15.25 -3.31
CA GLU B 220 0.43 15.05 -4.50
C GLU B 220 -0.25 14.21 -5.55
N PRO B 221 -1.01 13.20 -5.16
CA PRO B 221 -1.57 12.38 -6.23
C PRO B 221 -2.40 13.15 -7.22
N LEU B 222 -3.07 14.21 -6.77
CA LEU B 222 -3.88 15.00 -7.67
C LEU B 222 -3.12 16.20 -8.23
N PHE B 223 -2.33 16.89 -7.42
CA PHE B 223 -1.71 18.15 -7.88
C PHE B 223 -0.25 18.06 -8.37
N GLY B 224 0.39 16.92 -8.18
CA GLY B 224 1.79 16.72 -8.64
C GLY B 224 2.73 17.87 -8.23
N PRO B 225 3.42 18.49 -9.22
CA PRO B 225 4.37 19.57 -8.91
C PRO B 225 3.69 20.88 -8.47
N GLU B 226 2.37 20.97 -8.63
CA GLU B 226 1.57 22.06 -8.10
C GLU B 226 1.07 21.84 -6.66
N ALA B 227 1.44 20.70 -6.05
CA ALA B 227 1.23 20.50 -4.62
C ALA B 227 2.24 21.34 -3.84
N ASP B 228 1.94 22.63 -3.69
CA ASP B 228 2.94 23.64 -3.37
C ASP B 228 2.16 24.88 -2.89
N ASP B 230 3.26 27.94 -2.55
CA ASP B 230 3.60 29.12 -3.37
C ASP B 230 2.66 29.23 -4.58
N HIS B 231 2.27 28.07 -5.12
CA HIS B 231 1.29 28.05 -6.24
C HIS B 231 -0.10 28.56 -5.83
N TRP B 232 -0.51 28.25 -4.60
CA TRP B 232 -1.70 28.85 -4.02
C TRP B 232 -1.59 30.37 -3.86
N ASP B 234 0.37 32.34 -5.60
CA ASP B 234 0.49 32.91 -6.94
C ASP B 234 -0.91 33.18 -7.54
N LEU B 235 -1.78 32.18 -7.45
CA LEU B 235 -3.12 32.28 -8.02
C LEU B 235 -4.16 32.89 -7.08
N CYS B 236 -3.98 32.75 -5.76
CA CYS B 236 -5.03 33.08 -4.82
C CYS B 236 -4.72 33.98 -3.66
N GLN B 237 -3.50 34.48 -3.54
CA GLN B 237 -3.09 35.18 -2.32
C GLN B 237 -4.12 36.16 -1.76
N PRO B 238 -4.69 37.02 -2.62
CA PRO B 238 -5.53 38.07 -2.04
C PRO B 238 -6.82 37.55 -1.37
N TRP B 239 -7.22 36.33 -1.69
CA TRP B 239 -8.47 35.78 -1.20
C TRP B 239 -8.31 34.87 0.02
N ILE B 240 -7.07 34.47 0.38
CA ILE B 240 -6.88 33.50 1.44
C ILE B 240 -6.90 34.15 2.80
N ALA B 241 -7.99 33.95 3.56
CA ALA B 241 -8.23 34.66 4.82
C ALA B 241 -7.85 33.86 6.07
N ALA B 242 -7.66 32.56 5.95
CA ALA B 242 -7.34 31.71 7.09
C ALA B 242 -6.83 30.41 6.54
N TYR B 243 -6.28 29.58 7.43
CA TYR B 243 -5.70 28.31 7.06
C TYR B 243 -6.07 27.20 8.05
N HIS B 244 -6.05 25.97 7.56
CA HIS B 244 -5.90 24.78 8.37
C HIS B 244 -4.49 24.26 8.24
N ILE B 245 -3.84 23.97 9.38
CA ILE B 245 -2.53 23.31 9.37
C ILE B 245 -2.67 21.89 9.94
N GLN B 246 -1.82 20.99 9.45
CA GLN B 246 -1.81 19.62 9.83
C GLN B 246 -0.50 19.07 9.28
N GLN B 247 -0.12 17.92 9.83
CA GLN B 247 0.99 17.16 9.35
C GLN B 247 0.44 16.10 8.38
N THR B 248 1.23 15.83 7.33
CA THR B 248 0.85 14.92 6.27
C THR B 248 2.08 14.43 5.51
N ASP B 249 1.96 13.30 4.81
CA ASP B 249 2.99 12.85 3.88
C ASP B 249 2.64 13.27 2.46
N GLY B 250 1.55 14.01 2.27
CA GLY B 250 1.14 14.45 0.94
C GLY B 250 0.48 13.35 0.11
N GLN B 251 0.24 12.17 0.66
CA GLN B 251 -0.32 11.04 -0.11
C GLN B 251 -1.78 10.72 0.20
N LEU B 252 -2.26 11.16 1.38
CA LEU B 252 -3.68 11.21 1.75
C LEU B 252 -3.84 12.50 2.61
N ASP B 253 -5.09 12.86 2.94
CA ASP B 253 -5.38 14.03 3.78
C ASP B 253 -5.30 13.57 5.24
N ARG B 254 -4.08 13.45 5.72
CA ARG B 254 -3.78 12.81 6.98
C ARG B 254 -4.41 13.44 8.22
N HIS B 255 -4.40 14.75 8.28
CA HIS B 255 -4.69 15.44 9.54
C HIS B 255 -3.95 14.86 10.72
N TRP B 256 -2.66 14.51 10.54
CA TRP B 256 -1.79 14.15 11.66
C TRP B 256 -1.40 15.34 12.52
N SER B 257 -1.05 15.08 13.77
CA SER B 257 -0.46 16.12 14.64
C SER B 257 1.02 16.34 14.36
N PHE B 258 1.58 17.36 15.00
CA PHE B 258 2.97 17.75 14.82
C PHE B 258 3.97 17.02 15.72
N THR B 259 3.49 15.96 16.39
CA THR B 259 4.35 14.93 16.94
C THR B 259 4.78 13.95 15.84
N GLN B 260 4.13 13.96 14.69
CA GLN B 260 4.34 12.96 13.67
C GLN B 260 5.25 13.50 12.61
N PRO B 261 6.05 12.63 11.96
CA PRO B 261 6.83 13.09 10.85
C PRO B 261 6.00 13.34 9.57
N GLY B 262 6.52 14.24 8.74
CA GLY B 262 5.98 14.46 7.40
C GLY B 262 6.49 15.77 6.80
N VAL B 263 5.83 16.24 5.73
CA VAL B 263 6.37 17.34 4.91
C VAL B 263 6.04 18.74 5.46
N VAL B 264 5.11 18.85 6.41
CA VAL B 264 4.69 20.13 6.95
C VAL B 264 5.33 20.28 8.30
N THR B 265 6.62 20.59 8.29
CA THR B 265 7.36 20.86 9.51
C THR B 265 6.90 22.21 10.06
N PRO B 266 7.04 22.40 11.38
CA PRO B 266 6.71 23.71 11.96
C PRO B 266 7.54 24.85 11.38
N GLN B 267 8.78 24.55 10.98
CA GLN B 267 9.66 25.58 10.45
C GLN B 267 9.22 25.97 9.06
N ARG B 268 8.75 24.99 8.28
CA ARG B 268 8.17 25.29 6.94
C ARG B 268 6.95 26.22 7.09
N LEU B 269 6.12 25.98 8.09
CA LEU B 269 4.98 26.85 8.35
C LEU B 269 5.39 28.27 8.73
N GLN B 270 6.36 28.38 9.64
CA GLN B 270 6.84 29.67 10.11
C GLN B 270 7.53 30.45 8.96
N ASP B 271 8.30 29.75 8.13
CA ASP B 271 8.94 30.41 6.97
C ASP B 271 7.94 30.93 5.95
N PHE B 272 6.84 30.22 5.74
CA PHE B 272 5.75 30.67 4.85
C PHE B 272 5.11 31.91 5.47
N TRP B 273 4.80 31.82 6.76
CA TRP B 273 4.23 32.94 7.51
C TRP B 273 5.05 34.20 7.32
N ASP B 274 6.37 34.06 7.48
CA ASP B 274 7.27 35.20 7.37
C ASP B 274 7.41 35.60 5.91
N LYS B 275 7.50 34.64 4.99
CA LYS B 275 7.69 34.97 3.60
C LYS B 275 6.58 35.86 3.07
N TYR B 276 5.33 35.52 3.41
CA TYR B 276 4.20 36.29 2.87
C TYR B 276 3.69 37.40 3.79
N ALA B 277 4.44 37.71 4.86
CA ALA B 277 4.10 38.82 5.78
C ALA B 277 2.67 38.67 6.29
N LEU B 278 2.32 37.48 6.77
CA LEU B 278 0.95 37.23 7.19
C LEU B 278 0.74 37.90 8.52
N THR B 279 -0.50 38.27 8.81
CA THR B 279 -0.83 39.05 10.02
C THR B 279 -1.96 38.39 10.83
N ASP B 280 -3.17 38.36 10.27
CA ASP B 280 -4.32 37.85 10.99
C ASP B 280 -4.90 36.54 10.42
N GLN B 281 -4.24 35.98 9.41
CA GLN B 281 -4.74 34.78 8.71
C GLN B 281 -4.36 33.55 9.50
N THR B 282 -5.20 33.26 10.50
CA THR B 282 -4.90 32.24 11.51
C THR B 282 -4.55 30.87 10.92
N PHE B 283 -3.48 30.30 11.43
CA PHE B 283 -3.13 28.93 11.12
C PHE B 283 -3.86 28.08 12.15
N PHE B 284 -5.05 27.58 11.81
CA PHE B 284 -5.80 26.74 12.72
C PHE B 284 -5.31 25.28 12.61
N ALA B 285 -4.76 24.74 13.69
CA ALA B 285 -4.47 23.31 13.77
C ALA B 285 -5.78 22.54 13.66
N GLU B 286 -5.84 21.66 12.66
CA GLU B 286 -6.99 20.84 12.43
C GLU B 286 -6.50 19.39 12.41
N ILE B 287 -6.46 18.79 13.60
N ILE B 287 -6.47 18.80 13.60
CA ILE B 287 -5.88 17.47 13.80
CA ILE B 287 -5.87 17.48 13.83
C ILE B 287 -6.96 16.48 14.18
C ILE B 287 -6.96 16.48 14.18
N LEU B 288 -6.97 15.35 13.48
CA LEU B 288 -7.96 14.30 13.65
C LEU B 288 -7.34 13.05 14.29
N TYR B 289 -8.04 12.52 15.29
CA TYR B 289 -7.67 11.27 15.94
C TYR B 289 -8.70 10.16 15.67
N PRO B 290 -8.24 8.93 15.56
CA PRO B 290 -9.15 7.79 15.52
C PRO B 290 -10.11 7.80 16.72
N PHE B 291 -11.40 7.50 16.49
CA PHE B 291 -12.37 7.48 17.59
C PHE B 291 -11.85 6.62 18.76
N GLU B 292 -11.25 5.48 18.41
CA GLU B 292 -10.81 4.51 19.38
C GLU B 292 -9.55 4.86 20.20
N ALA B 293 -8.88 5.97 19.86
CA ALA B 293 -7.79 6.49 20.69
C ALA B 293 -8.30 6.97 22.05
N ARG B 294 -7.50 6.75 23.08
N ARG B 294 -7.51 6.73 23.09
CA ARG B 294 -7.89 7.09 24.45
CA ARG B 294 -7.85 7.10 24.46
C ARG B 294 -7.77 8.59 24.70
C ARG B 294 -7.82 8.62 24.63
N ASP B 295 -8.71 9.14 25.47
CA ASP B 295 -8.77 10.58 25.73
C ASP B 295 -7.45 11.15 26.24
N GLU B 296 -6.82 10.44 27.19
CA GLU B 296 -5.54 10.90 27.74
C GLU B 296 -4.40 10.94 26.68
N ASP B 297 -4.41 9.98 25.75
CA ASP B 297 -3.39 9.92 24.72
C ASP B 297 -3.59 11.05 23.70
N VAL B 298 -4.86 11.31 23.32
CA VAL B 298 -5.17 12.43 22.46
C VAL B 298 -4.76 13.76 23.08
N LEU B 299 -5.09 13.97 24.35
CA LEU B 299 -4.73 15.23 25.01
C LEU B 299 -3.20 15.42 25.08
N ALA B 300 -2.47 14.39 25.54
CA ALA B 300 -0.98 14.43 25.58
C ALA B 300 -0.41 14.75 24.20
N ASP B 301 -0.94 14.10 23.18
CA ASP B 301 -0.42 14.27 21.83
C ASP B 301 -0.67 15.71 21.37
N ILE B 303 -1.09 18.44 23.15
CA ILE B 303 -0.19 19.31 23.89
C ILE B 303 1.23 19.28 23.32
N ALA B 304 1.79 18.09 23.07
CA ALA B 304 3.13 18.00 22.48
C ALA B 304 3.19 18.60 21.07
N SER B 305 2.09 18.46 20.35
CA SER B 305 1.99 18.95 18.98
C SER B 305 2.03 20.48 18.97
N VAL B 306 1.29 21.12 19.87
CA VAL B 306 1.29 22.58 19.96
C VAL B 306 2.68 23.07 20.43
N LYS B 307 3.29 22.39 21.41
CA LYS B 307 4.67 22.75 21.78
C LYS B 307 5.64 22.63 20.58
N ALA B 308 5.49 21.59 19.75
CA ALA B 308 6.33 21.48 18.53
C ALA B 308 6.13 22.66 17.57
N LEU B 309 4.87 23.07 17.38
CA LEU B 309 4.56 24.26 16.55
C LEU B 309 5.16 25.56 17.12
N LYS B 310 5.05 25.74 18.44
CA LYS B 310 5.61 26.94 19.07
C LYS B 310 7.16 26.95 19.11
N ALA B 311 7.82 25.82 18.86
CA ALA B 311 9.29 25.81 18.85
C ALA B 311 9.90 26.27 17.51
N ALA B 312 9.09 26.58 16.49
CA ALA B 312 9.60 27.21 15.24
C ALA B 312 10.24 28.58 15.48
N SER B 313 11.30 28.91 14.73
CA SER B 313 12.04 30.19 14.90
C SER B 313 11.62 31.24 13.86
N PRO B 314 11.01 32.36 14.29
CA PRO B 314 10.54 33.43 13.38
C PRO B 314 11.67 34.09 12.60
N GLY C 19 -5.29 -35.56 -0.88
CA GLY C 19 -4.68 -34.17 -0.78
C GLY C 19 -3.85 -33.82 -2.02
N LYS C 21 -0.68 -32.70 -4.16
CA LYS C 21 0.77 -32.90 -3.96
C LYS C 21 1.52 -31.58 -3.83
N LEU C 22 1.87 -31.25 -2.59
CA LEU C 22 2.55 -29.97 -2.32
C LEU C 22 4.04 -30.19 -2.31
N GLY C 23 4.75 -29.19 -2.82
CA GLY C 23 6.19 -29.12 -2.74
C GLY C 23 6.68 -27.71 -2.45
N VAL C 24 7.99 -27.55 -2.41
CA VAL C 24 8.54 -26.21 -2.21
C VAL C 24 9.76 -25.98 -3.08
N ASN C 25 9.80 -24.82 -3.72
CA ASN C 25 10.98 -24.36 -4.43
C ASN C 25 11.80 -23.58 -3.41
N LEU C 26 13.09 -23.83 -3.38
CA LEU C 26 13.95 -23.35 -2.31
C LEU C 26 14.33 -21.90 -2.47
N CYS C 27 13.69 -21.21 -3.41
CA CYS C 27 13.90 -19.79 -3.63
C CYS C 27 13.65 -18.98 -2.34
N PHE C 28 12.76 -19.49 -1.44
CA PHE C 28 12.46 -18.78 -0.19
C PHE C 28 13.69 -18.64 0.73
N ALA C 29 14.64 -19.56 0.56
CA ALA C 29 15.84 -19.66 1.40
C ALA C 29 17.11 -18.95 0.87
N VAL C 30 17.05 -18.42 -0.35
N VAL C 30 17.04 -18.41 -0.36
CA VAL C 30 18.24 -17.84 -1.00
CA VAL C 30 18.18 -17.75 -1.00
C VAL C 30 18.93 -16.85 -0.04
C VAL C 30 18.93 -16.81 -0.03
N LYS C 31 20.24 -17.01 0.11
CA LYS C 31 21.11 -16.18 0.99
C LYS C 31 21.01 -16.48 2.47
N ARG C 32 20.02 -17.27 2.89
CA ARG C 32 19.64 -17.29 4.29
C ARG C 32 20.05 -18.66 4.89
N TRP C 33 19.20 -19.67 4.80
CA TRP C 33 19.51 -20.97 5.41
C TRP C 33 20.31 -21.85 4.46
N LEU C 34 21.61 -21.65 4.49
CA LEU C 34 22.46 -22.23 3.48
C LEU C 34 23.06 -23.60 3.87
N GLU C 35 23.27 -23.84 5.16
CA GLU C 35 23.87 -25.09 5.61
C GLU C 35 22.99 -26.28 5.16
N PRO C 36 23.53 -27.22 4.36
CA PRO C 36 22.66 -28.20 3.74
C PRO C 36 21.76 -28.98 4.70
N ASP C 37 22.31 -29.38 5.86
CA ASP C 37 21.54 -30.16 6.81
C ASP C 37 20.49 -29.28 7.51
N ARG C 38 20.82 -28.02 7.81
CA ARG C 38 19.85 -27.09 8.36
C ARG C 38 18.69 -26.83 7.40
N LEU C 39 18.99 -26.56 6.13
CA LEU C 39 17.95 -26.36 5.13
C LEU C 39 17.01 -27.55 4.96
N ALA C 40 17.58 -28.76 4.82
CA ALA C 40 16.82 -30.02 4.76
C ALA C 40 15.92 -30.17 5.97
N GLY C 41 16.49 -29.91 7.14
CA GLY C 41 15.76 -29.96 8.42
C GLY C 41 14.60 -28.98 8.51
N LEU C 42 14.81 -27.79 7.97
CA LEU C 42 13.80 -26.77 7.83
C LEU C 42 12.64 -27.21 6.94
N VAL C 43 12.93 -27.73 5.77
CA VAL C 43 11.86 -28.28 4.91
C VAL C 43 11.13 -29.45 5.58
N ARG C 44 11.87 -30.38 6.15
CA ARG C 44 11.25 -31.57 6.74
C ARG C 44 10.42 -31.25 7.98
N ASP C 45 10.97 -30.39 8.86
CA ASP C 45 10.44 -30.21 10.22
C ASP C 45 9.63 -28.93 10.38
N ASP C 46 10.05 -27.85 9.73
CA ASP C 46 9.34 -26.58 9.91
C ASP C 46 8.22 -26.44 8.90
N LEU C 47 8.48 -26.79 7.64
CA LEU C 47 7.43 -26.75 6.61
C LEU C 47 6.62 -28.06 6.54
N GLY C 48 7.19 -29.18 7.01
CA GLY C 48 6.51 -30.49 6.93
C GLY C 48 6.23 -30.99 5.51
N LEU C 49 7.16 -30.76 4.59
CA LEU C 49 7.02 -31.08 3.17
C LEU C 49 8.06 -32.08 2.77
N GLU C 50 7.87 -32.79 1.65
CA GLU C 50 8.88 -33.75 1.21
C GLU C 50 9.38 -33.59 -0.21
N TYR C 51 8.61 -32.89 -1.04
CA TYR C 51 8.95 -32.71 -2.43
C TYR C 51 9.53 -31.34 -2.62
N VAL C 52 10.71 -31.31 -3.22
CA VAL C 52 11.52 -30.11 -3.32
C VAL C 52 11.97 -29.84 -4.76
N GLN C 53 11.92 -28.58 -5.16
CA GLN C 53 12.61 -28.10 -6.34
C GLN C 53 13.77 -27.21 -5.93
N TYR C 54 14.98 -27.61 -6.32
CA TYR C 54 16.20 -26.92 -5.99
C TYR C 54 16.36 -25.78 -6.96
N THR C 55 16.76 -24.65 -6.45
CA THR C 55 16.96 -23.46 -7.29
C THR C 55 18.41 -23.24 -7.68
N TYR C 56 18.65 -22.87 -8.95
CA TYR C 56 19.96 -22.40 -9.36
C TYR C 56 20.45 -21.21 -8.51
N ASP C 57 19.54 -20.52 -7.81
CA ASP C 57 19.94 -19.39 -6.93
C ASP C 57 20.68 -19.82 -5.67
N LEU C 58 20.84 -21.13 -5.45
CA LEU C 58 21.70 -21.62 -4.37
C LEU C 58 23.12 -21.99 -4.83
N THR C 59 23.25 -22.48 -6.06
CA THR C 59 24.56 -22.81 -6.68
C THR C 59 24.48 -22.50 -8.18
N ASP C 60 25.23 -21.48 -8.61
CA ASP C 60 25.22 -21.00 -9.99
C ASP C 60 25.82 -22.09 -10.91
N PRO C 61 25.05 -22.51 -11.93
CA PRO C 61 25.58 -23.33 -12.99
C PRO C 61 26.94 -22.86 -13.57
N TRP C 62 27.18 -21.55 -13.60
CA TRP C 62 28.42 -21.04 -14.18
C TRP C 62 29.63 -21.22 -13.28
N TRP C 63 29.42 -21.54 -12.01
CA TRP C 63 30.54 -21.69 -11.11
C TRP C 63 31.39 -22.85 -11.59
N PRO C 64 32.70 -22.78 -11.30
CA PRO C 64 33.59 -23.83 -11.70
C PRO C 64 33.19 -25.19 -11.13
N ASP C 65 33.39 -26.26 -11.92
CA ASP C 65 32.83 -27.55 -11.60
C ASP C 65 33.22 -28.03 -10.20
N ILE C 66 34.48 -27.88 -9.78
CA ILE C 66 34.90 -28.46 -8.50
C ILE C 66 34.07 -27.91 -7.35
N GLU C 67 33.99 -26.60 -7.24
CA GLU C 67 33.35 -25.98 -6.08
C GLU C 67 31.81 -26.04 -6.21
N ARG C 68 31.29 -25.89 -7.44
CA ARG C 68 29.85 -25.92 -7.67
C ARG C 68 29.30 -27.31 -7.34
N ASP C 69 29.96 -28.34 -7.86
CA ASP C 69 29.43 -29.70 -7.74
C ASP C 69 29.56 -30.23 -6.31
N ARG C 70 30.61 -29.81 -5.59
CA ARG C 70 30.77 -30.17 -4.19
C ARG C 70 29.66 -29.60 -3.37
N ARG C 71 29.32 -28.35 -3.63
CA ARG C 71 28.22 -27.74 -2.88
C ARG C 71 26.85 -28.29 -3.27
N ALA C 72 26.62 -28.46 -4.57
CA ALA C 72 25.33 -29.01 -5.04
C ALA C 72 25.12 -30.43 -4.53
N ILE C 73 26.20 -31.21 -4.46
CA ILE C 73 26.12 -32.61 -4.02
C ILE C 73 25.86 -32.64 -2.52
N ALA C 74 26.43 -31.68 -1.80
CA ALA C 74 26.24 -31.62 -0.35
C ALA C 74 24.74 -31.36 -0.08
N TYR C 75 24.12 -30.48 -0.87
CA TYR C 75 22.67 -30.31 -0.74
C TYR C 75 21.90 -31.56 -1.11
N ALA C 76 22.26 -32.21 -2.23
CA ALA C 76 21.57 -33.42 -2.67
C ALA C 76 21.58 -34.52 -1.59
N LYS C 77 22.72 -34.66 -0.92
CA LYS C 77 22.92 -35.66 0.09
C LYS C 77 22.13 -35.30 1.32
N ALA C 78 22.19 -34.03 1.71
CA ALA C 78 21.48 -33.54 2.91
C ALA C 78 19.97 -33.77 2.77
N PHE C 79 19.43 -33.49 1.57
CA PHE C 79 18.01 -33.72 1.31
C PHE C 79 17.64 -35.23 1.28
N ARG C 80 18.42 -36.08 0.60
CA ARG C 80 18.14 -37.53 0.67
C ARG C 80 18.20 -38.03 2.12
N LYS C 81 19.17 -37.59 2.89
CA LYS C 81 19.33 -38.07 4.28
C LYS C 81 18.10 -37.77 5.11
N ALA C 82 17.50 -36.61 4.89
CA ALA C 82 16.28 -36.21 5.60
C ALA C 82 15.01 -36.85 5.01
N GLY C 83 15.15 -37.71 3.98
CA GLY C 83 13.98 -38.34 3.36
C GLY C 83 13.19 -37.43 2.44
N LEU C 84 13.81 -36.39 1.89
CA LEU C 84 13.14 -35.46 0.98
C LEU C 84 13.51 -35.84 -0.46
N THR C 85 12.65 -35.52 -1.42
CA THR C 85 12.91 -35.83 -2.82
C THR C 85 13.08 -34.54 -3.58
N ILE C 86 14.30 -34.29 -4.04
CA ILE C 86 14.50 -33.17 -4.96
C ILE C 86 14.13 -33.68 -6.33
N GLU C 87 12.98 -33.22 -6.80
CA GLU C 87 12.39 -33.77 -8.01
C GLU C 87 12.97 -33.13 -9.27
N SER C 88 13.47 -31.91 -9.11
CA SER C 88 14.06 -31.12 -10.19
C SER C 88 14.89 -29.95 -9.62
N THR C 89 15.72 -29.40 -10.48
CA THR C 89 16.41 -28.10 -10.27
C THR C 89 15.74 -27.11 -11.20
N PHE C 90 15.83 -25.81 -10.91
CA PHE C 90 15.17 -24.83 -11.73
C PHE C 90 15.85 -23.50 -11.68
N GLY C 91 15.80 -22.81 -12.80
CA GLY C 91 16.29 -21.45 -12.88
C GLY C 91 15.60 -20.52 -11.88
N GLY C 92 16.39 -19.58 -11.37
CA GLY C 92 15.95 -18.59 -10.46
C GLY C 92 16.20 -17.23 -11.05
N LEU C 93 16.34 -16.26 -10.15
CA LEU C 93 16.45 -14.87 -10.53
C LEU C 93 17.80 -14.53 -11.17
N ALA C 94 18.90 -15.18 -10.74
CA ALA C 94 20.21 -14.96 -11.34
C ALA C 94 20.20 -15.39 -12.80
N SER C 95 19.59 -16.53 -13.07
CA SER C 95 19.43 -17.03 -14.43
C SER C 95 18.52 -16.12 -15.26
N TYR C 96 17.35 -15.78 -14.68
CA TYR C 96 16.33 -14.98 -15.39
C TYR C 96 16.77 -13.59 -15.74
N THR C 97 17.86 -13.12 -15.13
CA THR C 97 18.40 -11.78 -15.44
C THR C 97 18.84 -11.63 -16.91
N TYR C 98 19.19 -12.75 -17.54
CA TYR C 98 19.76 -12.76 -18.89
C TYR C 98 18.74 -13.30 -19.92
N ASN C 99 19.01 -13.09 -21.20
CA ASN C 99 18.05 -13.32 -22.27
C ASN C 99 18.15 -14.72 -22.87
N HIS C 100 19.33 -15.35 -22.73
CA HIS C 100 19.57 -16.75 -23.09
C HIS C 100 19.09 -17.04 -24.53
N PHE C 101 18.15 -17.97 -24.69
CA PHE C 101 17.93 -18.55 -26.00
C PHE C 101 17.26 -17.65 -27.02
N LEU C 102 16.68 -16.53 -26.58
CA LEU C 102 16.04 -15.60 -27.46
C LEU C 102 16.82 -14.30 -27.60
N ALA C 103 18.05 -14.28 -27.09
CA ALA C 103 18.91 -13.10 -27.12
C ALA C 103 19.16 -12.58 -28.55
N PRO C 104 19.51 -11.30 -28.68
CA PRO C 104 19.64 -10.65 -30.00
C PRO C 104 20.87 -10.99 -30.87
N THR C 105 21.85 -11.73 -30.35
CA THR C 105 22.99 -12.18 -31.15
C THR C 105 23.12 -13.66 -30.94
N LEU C 106 23.72 -14.33 -31.91
CA LEU C 106 23.93 -15.77 -31.85
C LEU C 106 24.87 -16.13 -30.71
N GLU C 107 25.90 -15.30 -30.47
CA GLU C 107 26.83 -15.55 -29.34
C GLU C 107 26.09 -15.50 -28.01
N LEU C 108 25.15 -14.57 -27.86
CA LEU C 108 24.35 -14.56 -26.61
C LEU C 108 23.44 -15.79 -26.50
N GLN C 109 22.84 -16.21 -27.61
CA GLN C 109 22.10 -17.45 -27.60
C GLN C 109 22.96 -18.64 -27.21
N SER C 110 24.20 -18.71 -27.72
N SER C 110 24.20 -18.70 -27.73
N SER C 110 24.20 -18.68 -27.74
CA SER C 110 25.09 -19.84 -27.44
CA SER C 110 25.13 -19.79 -27.44
CA SER C 110 25.17 -19.74 -27.47
C SER C 110 25.53 -19.84 -25.95
C SER C 110 25.53 -19.84 -25.97
C SER C 110 25.52 -19.83 -25.97
N LEU C 111 25.61 -18.67 -25.33
CA LEU C 111 25.82 -18.60 -23.89
C LEU C 111 24.56 -19.11 -23.14
N GLY C 112 23.39 -18.98 -23.77
CA GLY C 112 22.20 -19.57 -23.23
C GLY C 112 22.31 -21.09 -23.20
N TYR C 113 22.76 -21.65 -24.32
CA TYR C 113 23.01 -23.08 -24.45
C TYR C 113 24.01 -23.53 -23.37
N GLN C 114 25.08 -22.75 -23.21
CA GLN C 114 26.14 -23.10 -22.22
C GLN C 114 25.61 -23.06 -20.80
N HIS C 115 24.75 -22.09 -20.51
CA HIS C 115 24.16 -21.97 -19.17
C HIS C 115 23.35 -23.23 -18.82
N LEU C 116 22.46 -23.63 -19.73
CA LEU C 116 21.63 -24.82 -19.46
C LEU C 116 22.42 -26.11 -19.53
N LYS C 117 23.38 -26.16 -20.43
CA LYS C 117 24.31 -27.31 -20.48
C LYS C 117 24.99 -27.49 -19.13
N ARG C 118 25.55 -26.43 -18.59
CA ARG C 118 26.19 -26.52 -17.27
C ARG C 118 25.16 -26.83 -16.12
N ALA C 119 23.94 -26.27 -16.21
CA ALA C 119 22.88 -26.58 -15.24
C ALA C 119 22.50 -28.06 -15.32
N ILE C 120 22.51 -28.60 -16.54
CA ILE C 120 22.34 -30.03 -16.75
C ILE C 120 23.46 -30.80 -16.05
N ASP C 121 24.72 -30.40 -16.25
CA ASP C 121 25.82 -31.13 -15.56
C ASP C 121 25.64 -31.10 -14.02
N THR C 123 22.84 -30.68 -12.30
CA THR C 123 21.67 -31.48 -11.97
C THR C 123 22.02 -33.00 -11.97
N ALA C 124 22.77 -33.46 -12.98
CA ALA C 124 23.26 -34.84 -13.00
C ALA C 124 24.21 -35.08 -11.81
N ALA C 125 25.08 -34.14 -11.47
CA ALA C 125 25.93 -34.31 -10.26
C ALA C 125 25.08 -34.60 -9.02
N GLU C 127 22.28 -36.14 -8.99
CA GLU C 127 21.42 -37.29 -9.32
C GLU C 127 19.93 -36.87 -9.28
N VAL C 128 19.63 -35.65 -9.75
CA VAL C 128 18.28 -35.17 -9.84
C VAL C 128 17.80 -35.41 -11.30
N PRO C 129 16.53 -35.83 -11.48
CA PRO C 129 16.18 -36.35 -12.82
C PRO C 129 15.75 -35.33 -13.86
N ALA C 130 15.57 -34.07 -13.50
CA ALA C 130 15.00 -33.08 -14.43
C ALA C 130 15.48 -31.70 -14.03
N THR C 131 15.56 -30.81 -15.01
CA THR C 131 15.83 -29.41 -14.78
C THR C 131 15.03 -28.58 -15.75
N GLY C 132 14.96 -27.29 -15.49
CA GLY C 132 14.29 -26.39 -16.45
C GLY C 132 14.37 -24.92 -16.10
N PRO C 134 12.64 -20.71 -17.65
CA PRO C 134 12.01 -19.93 -18.71
C PRO C 134 12.90 -19.97 -19.95
N PHE C 135 12.30 -19.92 -21.12
CA PHE C 135 12.98 -20.24 -22.37
C PHE C 135 13.98 -19.17 -22.80
N GLY C 136 13.72 -17.92 -22.41
CA GLY C 136 14.52 -16.79 -22.85
C GLY C 136 13.69 -15.57 -23.09
N SER C 137 14.36 -14.56 -23.60
CA SER C 137 13.77 -13.25 -23.69
C SER C 137 14.30 -12.49 -24.92
N TYR C 138 13.41 -11.81 -25.67
CA TYR C 138 13.81 -10.95 -26.78
C TYR C 138 14.20 -9.55 -26.29
N SER C 139 15.11 -8.89 -26.99
CA SER C 139 15.36 -7.47 -26.76
C SER C 139 14.14 -6.65 -27.16
N ALA C 140 14.05 -5.41 -26.68
CA ALA C 140 12.96 -4.49 -27.01
C ALA C 140 12.72 -4.36 -28.52
N ALA C 141 13.78 -4.24 -29.32
CA ALA C 141 13.63 -4.12 -30.77
C ALA C 141 13.17 -5.43 -31.42
N ASP C 142 13.75 -6.56 -31.03
CA ASP C 142 13.42 -7.86 -31.64
C ASP C 142 11.99 -8.29 -31.33
N ALA C 143 11.57 -7.98 -30.09
CA ALA C 143 10.22 -8.27 -29.60
C ALA C 143 9.10 -7.71 -30.46
N LEU C 144 9.38 -6.64 -31.20
CA LEU C 144 8.38 -5.94 -32.02
C LEU C 144 8.38 -6.45 -33.47
N ASN C 145 9.29 -7.38 -33.79
CA ASN C 145 9.48 -7.82 -35.18
C ASN C 145 9.22 -9.35 -35.31
N PRO C 146 8.06 -9.74 -35.84
CA PRO C 146 7.75 -11.19 -35.87
C PRO C 146 8.74 -12.06 -36.62
N ALA C 147 9.26 -11.56 -37.74
CA ALA C 147 10.22 -12.30 -38.56
C ALA C 147 11.53 -12.53 -37.79
N ARG C 148 11.98 -11.51 -37.11
CA ARG C 148 13.13 -11.68 -36.28
C ARG C 148 12.86 -12.63 -35.09
N ARG C 149 11.69 -12.54 -34.46
CA ARG C 149 11.39 -13.45 -33.34
C ARG C 149 11.44 -14.90 -33.82
N GLU C 150 10.87 -15.17 -35.00
CA GLU C 150 10.83 -16.54 -35.51
C GLU C 150 12.23 -17.04 -35.93
N GLU C 151 13.03 -16.16 -36.52
CA GLU C 151 14.39 -16.48 -36.87
C GLU C 151 15.19 -16.93 -35.64
N ILE C 152 15.07 -16.14 -34.58
CA ILE C 152 15.75 -16.41 -33.32
C ILE C 152 15.21 -17.70 -32.70
N TYR C 153 13.89 -17.83 -32.71
CA TYR C 153 13.23 -19.02 -32.12
C TYR C 153 13.64 -20.34 -32.77
N ALA C 154 13.77 -20.35 -34.11
CA ALA C 154 14.11 -21.61 -34.82
C ALA C 154 15.44 -22.15 -34.29
N ILE C 155 16.41 -21.24 -34.13
CA ILE C 155 17.73 -21.62 -33.56
C ILE C 155 17.62 -22.09 -32.11
N ALA C 156 16.85 -21.35 -31.31
CA ALA C 156 16.58 -21.71 -29.92
C ALA C 156 16.01 -23.12 -29.84
N ARG C 157 15.01 -23.38 -30.68
N ARG C 157 15.02 -23.39 -30.67
CA ARG C 157 14.30 -24.65 -30.75
CA ARG C 157 14.35 -24.68 -30.64
C ARG C 157 15.29 -25.79 -31.00
C ARG C 157 15.32 -25.81 -30.98
N ASP C 158 16.12 -25.59 -32.01
CA ASP C 158 17.19 -26.54 -32.38
C ASP C 158 18.21 -26.76 -31.24
N TRP C 160 17.48 -26.57 -28.01
CA TRP C 160 16.83 -27.39 -26.96
C TRP C 160 16.77 -28.86 -27.37
N ILE C 161 16.66 -29.14 -28.68
CA ILE C 161 16.77 -30.50 -29.20
C ILE C 161 18.18 -31.06 -28.86
N GLU C 162 19.23 -30.28 -29.15
CA GLU C 162 20.58 -30.74 -28.81
C GLU C 162 20.78 -30.89 -27.29
N LEU C 163 20.19 -29.98 -26.52
CA LEU C 163 20.30 -30.06 -25.05
C LEU C 163 19.51 -31.22 -24.45
N ALA C 164 18.36 -31.58 -25.05
CA ALA C 164 17.63 -32.76 -24.57
C ALA C 164 18.48 -34.01 -24.77
N ALA C 165 19.12 -34.13 -25.93
CA ALA C 165 20.07 -35.23 -26.25
C ALA C 165 21.26 -35.30 -25.23
N TYR C 166 21.86 -34.14 -24.96
CA TYR C 166 22.94 -34.03 -23.99
C TYR C 166 22.49 -34.42 -22.57
N ALA C 167 21.32 -33.92 -22.17
CA ALA C 167 20.64 -34.31 -20.93
C ALA C 167 20.45 -35.83 -20.82
N LYS C 168 19.96 -36.47 -21.90
CA LYS C 168 19.80 -37.93 -21.88
C LYS C 168 21.15 -38.61 -21.60
N ARG C 169 22.20 -38.19 -22.31
N ARG C 169 22.18 -38.20 -22.36
CA ARG C 169 23.54 -38.76 -22.12
CA ARG C 169 23.58 -38.59 -22.15
C ARG C 169 24.13 -38.47 -20.72
C ARG C 169 23.94 -38.57 -20.68
N GLN C 170 23.64 -37.45 -20.03
CA GLN C 170 24.03 -37.21 -18.65
C GLN C 170 23.12 -37.84 -17.58
N GLY C 171 22.11 -38.60 -18.02
CA GLY C 171 21.23 -39.32 -17.11
C GLY C 171 19.93 -38.62 -16.72
N LEU C 172 19.67 -37.41 -17.21
CA LEU C 172 18.37 -36.74 -16.92
C LEU C 172 17.18 -37.40 -17.68
N SER C 173 15.97 -37.28 -17.14
CA SER C 173 14.78 -37.88 -17.75
C SER C 173 13.87 -36.86 -18.41
N LEU C 175 13.26 -32.32 -19.34
CA LEU C 175 13.53 -30.87 -19.21
C LEU C 175 12.19 -30.15 -19.16
N TYR C 176 12.16 -28.99 -18.52
CA TYR C 176 10.97 -28.16 -18.45
C TYR C 176 11.24 -26.75 -19.01
N VAL C 177 10.16 -26.19 -19.57
CA VAL C 177 10.09 -24.78 -19.89
C VAL C 177 8.93 -24.13 -19.10
N GLU C 178 9.20 -22.96 -18.50
CA GLU C 178 8.23 -22.18 -17.77
C GLU C 178 7.76 -20.95 -18.56
N PRO C 179 6.50 -20.96 -19.03
CA PRO C 179 6.01 -19.74 -19.67
C PRO C 179 5.94 -18.56 -18.71
N VAL C 180 5.98 -17.36 -19.26
CA VAL C 180 6.14 -16.11 -18.54
C VAL C 180 5.09 -15.08 -18.96
N PRO C 181 4.70 -14.17 -18.07
CA PRO C 181 3.69 -13.20 -18.40
C PRO C 181 4.24 -11.95 -19.10
N LEU C 182 5.06 -12.16 -20.16
CA LEU C 182 5.70 -11.07 -20.90
C LEU C 182 5.49 -11.31 -22.41
N ALA C 183 5.00 -10.27 -23.09
CA ALA C 183 4.82 -10.27 -24.55
C ALA C 183 6.16 -10.26 -25.27
N THR C 184 7.21 -9.83 -24.56
CA THR C 184 8.56 -9.75 -25.08
C THR C 184 9.37 -11.05 -24.93
N GLU C 185 8.71 -12.10 -24.42
CA GLU C 185 9.36 -13.39 -24.23
C GLU C 185 8.46 -14.45 -24.84
N PHE C 186 8.97 -15.65 -24.91
CA PHE C 186 8.21 -16.72 -25.51
C PHE C 186 8.67 -17.99 -24.87
N PRO C 187 7.75 -18.89 -24.50
CA PRO C 187 6.30 -18.81 -24.56
C PRO C 187 5.69 -17.94 -23.44
N SER C 188 4.70 -17.11 -23.78
N SER C 188 4.65 -17.18 -23.77
CA SER C 188 3.92 -16.40 -22.78
CA SER C 188 3.94 -16.39 -22.79
C SER C 188 2.57 -17.08 -22.61
C SER C 188 2.49 -16.87 -22.58
N SER C 189 1.77 -17.09 -23.69
CA SER C 189 0.40 -17.65 -23.61
C SER C 189 0.30 -19.16 -23.63
N ALA C 190 -0.89 -19.67 -23.29
CA ALA C 190 -1.14 -21.11 -23.41
C ALA C 190 -0.96 -21.56 -24.88
N ALA C 191 -1.36 -20.69 -25.81
CA ALA C 191 -1.22 -20.96 -27.26
C ALA C 191 0.25 -21.05 -27.67
N ASP C 192 1.09 -20.13 -27.17
CA ASP C 192 2.55 -20.17 -27.40
C ASP C 192 3.14 -21.45 -26.84
N ALA C 193 2.71 -21.81 -25.63
CA ALA C 193 3.25 -22.98 -24.93
C ALA C 193 2.84 -24.22 -25.68
N ALA C 194 1.63 -24.24 -26.22
CA ALA C 194 1.18 -25.35 -27.05
C ALA C 194 2.05 -25.53 -28.31
N ARG C 195 2.49 -24.40 -28.88
CA ARG C 195 3.22 -24.42 -30.15
C ARG C 195 4.64 -24.91 -29.88
N LEU C 196 5.25 -24.41 -28.81
CA LEU C 196 6.57 -24.91 -28.37
C LEU C 196 6.51 -26.43 -28.16
N ALA C 198 4.36 -28.75 -29.38
CA ALA C 198 4.20 -29.45 -30.65
C ALA C 198 5.51 -29.43 -31.47
N ASP C 199 6.27 -28.33 -31.40
CA ASP C 199 7.55 -28.23 -32.14
C ASP C 199 8.60 -29.24 -31.65
N LEU C 200 8.62 -29.53 -30.35
CA LEU C 200 9.65 -30.41 -29.74
C LEU C 200 9.21 -31.86 -29.62
N ASP C 201 7.91 -32.08 -29.60
CA ASP C 201 7.39 -33.39 -29.39
C ASP C 201 7.76 -34.29 -30.57
N GLY C 202 8.31 -35.47 -30.26
CA GLY C 202 8.77 -36.40 -31.31
C GLY C 202 10.14 -36.05 -31.85
N ARG C 203 10.76 -34.95 -31.38
CA ARG C 203 12.05 -34.50 -31.90
C ARG C 203 13.16 -34.48 -30.84
N THR C 204 12.84 -34.79 -29.59
CA THR C 204 13.81 -34.69 -28.48
C THR C 204 14.04 -36.08 -27.89
N GLU C 205 15.26 -36.38 -27.44
CA GLU C 205 15.57 -37.74 -26.98
C GLU C 205 15.06 -38.04 -25.58
N ILE C 206 14.76 -36.99 -24.80
CA ILE C 206 13.92 -37.09 -23.61
C ILE C 206 12.82 -36.00 -23.73
N PRO C 207 11.74 -36.13 -22.96
CA PRO C 207 10.64 -35.18 -23.06
C PRO C 207 11.02 -33.81 -22.53
N VAL C 208 10.59 -32.80 -23.28
CA VAL C 208 10.58 -31.46 -22.85
C VAL C 208 9.11 -31.13 -22.50
N ARG C 209 8.88 -30.72 -21.26
CA ARG C 209 7.52 -30.47 -20.77
C ARG C 209 7.39 -29.08 -20.21
N LEU C 210 6.15 -28.71 -19.83
CA LEU C 210 5.85 -27.38 -19.35
C LEU C 210 5.83 -27.42 -17.82
N LEU C 211 6.32 -26.36 -17.18
CA LEU C 211 5.97 -26.11 -15.78
C LEU C 211 5.21 -24.85 -15.77
N VAL C 212 3.97 -24.90 -15.30
CA VAL C 212 3.17 -23.70 -15.29
C VAL C 212 3.10 -23.06 -13.91
N ASP C 213 3.39 -21.75 -13.89
CA ASP C 213 3.35 -20.93 -12.71
C ASP C 213 2.00 -20.21 -12.66
N TRP C 214 1.23 -20.52 -11.62
CA TRP C 214 -0.12 -20.00 -11.44
C TRP C 214 -0.19 -18.49 -11.56
N GLY C 215 0.83 -17.82 -11.05
CA GLY C 215 0.92 -16.38 -11.11
C GLY C 215 1.21 -15.81 -12.50
N HIS C 216 1.85 -16.61 -13.34
CA HIS C 216 2.08 -16.21 -14.73
C HIS C 216 0.81 -16.34 -15.59
N ALA C 217 0.12 -17.49 -15.43
CA ALA C 217 -1.12 -17.80 -16.14
C ALA C 217 -2.24 -16.82 -15.75
N LEU C 218 -2.27 -16.42 -14.48
CA LEU C 218 -3.33 -15.53 -13.96
C LEU C 218 -3.01 -14.03 -14.04
N PHE C 219 -2.02 -13.69 -14.85
CA PHE C 219 -1.61 -12.31 -15.02
C PHE C 219 -2.62 -11.60 -15.96
N GLU C 220 -3.50 -10.77 -15.39
CA GLU C 220 -4.65 -10.27 -16.15
C GLU C 220 -4.30 -9.15 -17.17
N PRO C 221 -3.33 -8.29 -16.87
CA PRO C 221 -3.10 -7.23 -17.87
C PRO C 221 -2.69 -7.77 -19.24
N LEU C 222 -2.08 -8.95 -19.30
CA LEU C 222 -1.66 -9.49 -20.57
C LEU C 222 -2.68 -10.50 -21.12
N PHE C 223 -3.29 -11.33 -20.27
CA PHE C 223 -4.17 -12.40 -20.73
C PHE C 223 -5.69 -12.17 -20.60
N GLY C 224 -6.12 -11.17 -19.83
CA GLY C 224 -7.55 -10.80 -19.76
C GLY C 224 -8.40 -12.00 -19.40
N PRO C 225 -9.51 -12.27 -20.15
CA PRO C 225 -10.37 -13.43 -19.78
C PRO C 225 -9.71 -14.82 -19.88
N GLU C 226 -8.55 -14.91 -20.52
CA GLU C 226 -7.82 -16.19 -20.64
C GLU C 226 -6.80 -16.40 -19.51
N ALA C 227 -6.76 -15.42 -18.59
CA ALA C 227 -6.02 -15.49 -17.36
C ALA C 227 -6.78 -16.39 -16.39
N ASP C 228 -6.79 -17.69 -16.73
CA ASP C 228 -7.34 -18.72 -15.89
C ASP C 228 -6.79 -20.07 -16.31
N ASP C 230 -8.07 -23.13 -16.46
CA ASP C 230 -8.82 -24.01 -17.35
C ASP C 230 -8.36 -23.80 -18.81
N HIS C 231 -8.12 -22.55 -19.18
CA HIS C 231 -7.58 -22.23 -20.50
C HIS C 231 -6.24 -22.90 -20.77
N TRP C 232 -5.40 -22.94 -19.73
CA TRP C 232 -4.13 -23.67 -19.78
C TRP C 232 -4.32 -25.17 -19.96
N ASP C 234 -7.09 -26.58 -21.32
CA ASP C 234 -7.68 -26.70 -22.67
C ASP C 234 -6.60 -26.84 -23.77
N LEU C 235 -5.60 -25.95 -23.75
CA LEU C 235 -4.59 -25.90 -24.82
C LEU C 235 -3.34 -26.75 -24.55
N CYS C 236 -2.99 -26.96 -23.27
CA CYS C 236 -1.69 -27.57 -22.91
C CYS C 236 -1.74 -28.78 -21.95
N GLN C 237 -2.92 -29.23 -21.52
CA GLN C 237 -3.00 -30.26 -20.46
C GLN C 237 -2.04 -31.45 -20.59
N PRO C 238 -1.88 -32.02 -21.78
CA PRO C 238 -1.01 -33.20 -21.88
C PRO C 238 0.46 -32.91 -21.54
N TRP C 239 0.86 -31.64 -21.60
CA TRP C 239 2.26 -31.30 -21.48
C TRP C 239 2.65 -30.75 -20.12
N ILE C 240 1.69 -30.46 -19.24
CA ILE C 240 2.02 -29.84 -17.94
C ILE C 240 2.43 -30.88 -16.88
N ALA C 241 3.73 -30.98 -16.59
CA ALA C 241 4.30 -31.98 -15.68
C ALA C 241 4.52 -31.50 -14.23
N ALA C 242 4.49 -30.18 -14.02
CA ALA C 242 4.69 -29.60 -12.66
C ALA C 242 4.19 -28.18 -12.66
N TYR C 243 4.05 -27.61 -11.47
CA TYR C 243 3.53 -26.24 -11.26
C TYR C 243 4.33 -25.47 -10.23
N HIS C 244 4.28 -24.15 -10.39
CA HIS C 244 4.63 -23.21 -9.32
C HIS C 244 3.33 -22.62 -8.82
N ILE C 245 3.16 -22.62 -7.50
CA ILE C 245 1.99 -21.99 -6.88
C ILE C 245 2.51 -20.84 -6.03
N GLN C 246 1.66 -19.82 -5.91
CA GLN C 246 1.96 -18.55 -5.26
C GLN C 246 0.62 -17.84 -5.05
N GLN C 247 0.62 -16.86 -4.15
CA GLN C 247 -0.50 -15.97 -4.00
C GLN C 247 -0.24 -14.71 -4.87
N THR C 248 -1.31 -14.21 -5.47
CA THR C 248 -1.23 -13.08 -6.39
C THR C 248 -2.59 -12.38 -6.50
N ASP C 249 -2.57 -11.05 -6.69
CA ASP C 249 -3.77 -10.29 -7.08
C ASP C 249 -4.02 -10.37 -8.58
N GLY C 250 -3.18 -11.07 -9.32
CA GLY C 250 -3.33 -11.12 -10.77
C GLY C 250 -2.90 -9.85 -11.48
N GLN C 251 -2.40 -8.84 -10.77
CA GLN C 251 -2.06 -7.57 -11.43
C GLN C 251 -0.56 -7.39 -11.67
N LEU C 252 0.27 -8.13 -10.95
CA LEU C 252 1.70 -8.21 -11.18
C LEU C 252 2.07 -9.66 -10.83
N ASP C 253 3.29 -10.09 -11.12
CA ASP C 253 3.73 -11.43 -10.78
C ASP C 253 4.19 -11.44 -9.32
N ARG C 254 3.27 -11.61 -8.38
CA ARG C 254 3.55 -11.27 -6.98
C ARG C 254 4.46 -12.22 -6.23
N HIS C 255 4.30 -13.53 -6.44
CA HIS C 255 4.99 -14.51 -5.62
C HIS C 255 4.81 -14.22 -4.14
N TRP C 256 3.61 -13.82 -3.75
CA TRP C 256 3.24 -13.75 -2.34
C TRP C 256 2.99 -15.12 -1.74
N SER C 257 3.10 -15.21 -0.42
CA SER C 257 2.81 -16.43 0.32
C SER C 257 1.33 -16.54 0.59
N PHE C 258 0.93 -17.67 1.17
CA PHE C 258 -0.48 -17.93 1.41
C PHE C 258 -1.01 -17.33 2.68
N THR C 259 -0.21 -16.48 3.34
CA THR C 259 -0.76 -15.61 4.39
C THR C 259 -1.36 -14.31 3.84
N GLN C 260 -1.10 -14.01 2.56
CA GLN C 260 -1.52 -12.76 1.95
C GLN C 260 -2.84 -12.89 1.18
N PRO C 261 -3.53 -11.74 0.97
CA PRO C 261 -4.71 -11.77 0.12
C PRO C 261 -4.39 -12.04 -1.33
N GLY C 262 -5.44 -12.34 -2.10
CA GLY C 262 -5.30 -12.55 -3.53
C GLY C 262 -6.25 -13.61 -4.04
N VAL C 263 -6.05 -13.95 -5.31
CA VAL C 263 -7.01 -14.74 -6.09
C VAL C 263 -6.72 -16.25 -6.04
N VAL C 264 -5.58 -16.65 -5.47
CA VAL C 264 -5.19 -18.04 -5.40
C VAL C 264 -5.28 -18.54 -3.97
N THR C 265 -6.46 -18.99 -3.60
CA THR C 265 -6.67 -19.63 -2.30
C THR C 265 -6.26 -21.12 -2.35
N PRO C 266 -5.96 -21.72 -1.20
CA PRO C 266 -5.70 -23.17 -1.13
C PRO C 266 -6.80 -24.03 -1.71
N GLN C 267 -8.05 -23.68 -1.46
CA GLN C 267 -9.17 -24.46 -1.99
C GLN C 267 -9.27 -24.33 -3.51
N ARG C 268 -8.95 -23.17 -4.08
CA ARG C 268 -8.89 -23.07 -5.56
C ARG C 268 -7.86 -24.07 -6.14
N LEU C 269 -6.71 -24.15 -5.50
CA LEU C 269 -5.66 -25.10 -5.87
C LEU C 269 -6.14 -26.54 -5.76
N GLN C 270 -6.72 -26.89 -4.63
CA GLN C 270 -7.13 -28.24 -4.36
C GLN C 270 -8.26 -28.65 -5.31
N ASP C 271 -9.16 -27.72 -5.63
CA ASP C 271 -10.27 -27.99 -6.54
C ASP C 271 -9.80 -28.29 -7.98
N PHE C 272 -8.80 -27.54 -8.42
CA PHE C 272 -8.14 -27.75 -9.71
C PHE C 272 -7.45 -29.10 -9.64
N TRP C 273 -6.75 -29.36 -8.54
CA TRP C 273 -6.07 -30.65 -8.36
C TRP C 273 -7.10 -31.78 -8.60
N ASP C 274 -8.26 -31.68 -7.96
CA ASP C 274 -9.24 -32.76 -8.05
C ASP C 274 -9.96 -32.80 -9.39
N LYS C 275 -10.30 -31.62 -9.93
CA LYS C 275 -11.01 -31.52 -11.21
C LYS C 275 -10.27 -32.24 -12.33
N TYR C 276 -8.94 -32.04 -12.38
CA TYR C 276 -8.09 -32.59 -13.43
C TYR C 276 -7.39 -33.91 -13.08
N ALA C 277 -7.75 -34.51 -11.94
CA ALA C 277 -7.27 -35.85 -11.55
C ALA C 277 -5.76 -35.89 -11.56
N LEU C 278 -5.14 -34.82 -11.07
CA LEU C 278 -3.69 -34.76 -10.99
C LEU C 278 -3.16 -35.81 -10.00
N THR C 279 -1.92 -36.21 -10.20
CA THR C 279 -1.33 -37.33 -9.47
C THR C 279 0.09 -36.96 -9.02
N ASP C 280 1.01 -36.77 -9.95
CA ASP C 280 2.41 -36.55 -9.59
C ASP C 280 2.92 -35.14 -9.98
N GLN C 281 2.05 -34.31 -10.54
CA GLN C 281 2.45 -32.99 -11.08
C GLN C 281 2.54 -31.92 -9.97
N THR C 282 3.69 -31.92 -9.29
CA THR C 282 3.83 -31.28 -7.99
C THR C 282 3.49 -29.80 -8.05
N PHE C 283 2.77 -29.32 -7.04
CA PHE C 283 2.50 -27.90 -6.85
C PHE C 283 3.63 -27.36 -5.98
N PHE C 284 4.71 -26.85 -6.60
CA PHE C 284 5.80 -26.28 -5.84
C PHE C 284 5.51 -24.79 -5.43
N ALA C 285 5.42 -24.53 -4.14
CA ALA C 285 5.32 -23.16 -3.65
C ALA C 285 6.58 -22.44 -4.07
N GLU C 286 6.40 -21.36 -4.83
CA GLU C 286 7.51 -20.49 -5.21
C GLU C 286 7.24 -19.08 -4.68
N ILE C 287 7.71 -18.83 -3.45
N ILE C 287 7.69 -18.85 -3.44
CA ILE C 287 7.37 -17.62 -2.74
CA ILE C 287 7.39 -17.63 -2.70
C ILE C 287 8.64 -16.81 -2.54
C ILE C 287 8.67 -16.82 -2.59
N LEU C 288 8.61 -15.55 -2.94
CA LEU C 288 9.78 -14.69 -2.88
C LEU C 288 9.59 -13.61 -1.76
N TYR C 289 10.66 -13.36 -1.01
CA TYR C 289 10.64 -12.35 0.03
C TYR C 289 11.64 -11.27 -0.29
N PRO C 290 11.35 -10.02 0.10
CA PRO C 290 12.39 -8.98 -0.04
C PRO C 290 13.68 -9.38 0.69
N PHE C 291 14.80 -9.02 0.10
CA PHE C 291 16.11 -9.35 0.69
C PHE C 291 16.18 -8.82 2.11
N GLU C 292 15.67 -7.60 2.30
CA GLU C 292 15.74 -6.92 3.58
C GLU C 292 14.77 -7.43 4.67
N ALA C 293 13.86 -8.36 4.33
CA ALA C 293 13.00 -8.98 5.32
C ALA C 293 13.90 -9.74 6.30
N ARG C 294 13.52 -9.78 7.57
CA ARG C 294 14.31 -10.52 8.56
C ARG C 294 14.14 -12.02 8.39
N ASP C 295 15.21 -12.75 8.68
CA ASP C 295 15.19 -14.21 8.60
C ASP C 295 14.01 -14.84 9.38
N GLU C 296 13.80 -14.37 10.60
CA GLU C 296 12.81 -14.98 11.50
C GLU C 296 11.40 -14.75 10.98
N ASP C 297 11.18 -13.60 10.35
CA ASP C 297 9.89 -13.26 9.77
C ASP C 297 9.60 -14.05 8.48
N VAL C 298 10.61 -14.24 7.62
CA VAL C 298 10.44 -15.06 6.45
C VAL C 298 10.08 -16.50 6.87
N LEU C 299 10.82 -17.06 7.81
CA LEU C 299 10.52 -18.44 8.28
C LEU C 299 9.11 -18.58 8.84
N ALA C 300 8.73 -17.66 9.74
CA ALA C 300 7.42 -17.70 10.39
C ALA C 300 6.31 -17.61 9.32
N ASP C 301 6.47 -16.71 8.36
CA ASP C 301 5.48 -16.56 7.29
C ASP C 301 5.40 -17.79 6.40
N ILE C 303 6.08 -20.97 7.21
CA ILE C 303 5.38 -21.95 8.04
C ILE C 303 3.87 -21.69 8.02
N ALA C 304 3.44 -20.44 8.27
CA ALA C 304 2.02 -20.08 8.28
C ALA C 304 1.39 -20.31 6.89
N SER C 305 2.16 -20.06 5.85
CA SER C 305 1.68 -20.14 4.49
C SER C 305 1.42 -21.62 4.13
N VAL C 306 2.34 -22.49 4.52
CA VAL C 306 2.18 -23.94 4.29
C VAL C 306 1.00 -24.55 5.06
N LYS C 307 0.83 -24.11 6.31
CA LYS C 307 -0.31 -24.56 7.10
C LYS C 307 -1.61 -24.09 6.46
N ALA C 308 -1.63 -22.88 5.91
CA ALA C 308 -2.81 -22.45 5.16
C ALA C 308 -3.08 -23.39 3.96
N LEU C 309 -2.03 -23.78 3.25
CA LEU C 309 -2.20 -24.66 2.07
C LEU C 309 -2.75 -25.99 2.48
N LYS C 310 -2.23 -26.52 3.59
CA LYS C 310 -2.62 -27.84 4.08
C LYS C 310 -4.03 -27.83 4.67
N ALA C 311 -4.61 -26.66 4.96
CA ALA C 311 -5.99 -26.62 5.47
C ALA C 311 -7.07 -26.84 4.38
N ALA C 312 -6.71 -26.93 3.10
CA ALA C 312 -7.69 -27.16 2.03
C ALA C 312 -8.28 -28.60 2.07
N SER C 313 -9.54 -28.73 1.61
CA SER C 313 -10.36 -29.95 1.72
C SER C 313 -10.43 -30.70 0.38
N PRO C 314 -9.82 -31.89 0.31
CA PRO C 314 -9.71 -32.73 -0.93
C PRO C 314 -11.03 -33.12 -1.62
N GLY D 19 23.90 22.52 -11.02
CA GLY D 19 23.01 21.45 -10.48
C GLY D 19 23.72 20.16 -10.08
N LYS D 21 25.14 16.39 -9.81
CA LYS D 21 25.67 15.53 -10.87
C LYS D 21 24.84 14.23 -11.00
N LEU D 22 23.99 14.19 -12.03
CA LEU D 22 23.09 13.04 -12.23
C LEU D 22 23.72 12.00 -13.16
N GLY D 23 23.53 10.74 -12.80
CA GLY D 23 23.85 9.63 -13.69
C GLY D 23 22.80 8.53 -13.66
N VAL D 24 23.03 7.46 -14.42
CA VAL D 24 22.09 6.37 -14.47
C VAL D 24 22.82 5.03 -14.43
N ASN D 25 22.36 4.16 -13.51
CA ASN D 25 22.78 2.77 -13.53
C ASN D 25 21.88 2.08 -14.51
N LEU D 26 22.46 1.24 -15.36
CA LEU D 26 21.75 0.63 -16.46
C LEU D 26 20.86 -0.57 -16.09
N CYS D 27 20.66 -0.82 -14.80
CA CYS D 27 19.69 -1.85 -14.34
C CYS D 27 18.29 -1.63 -14.93
N PHE D 28 17.90 -0.38 -15.19
CA PHE D 28 16.56 -0.16 -15.79
C PHE D 28 16.37 -0.92 -17.14
N ALA D 29 17.47 -1.17 -17.86
CA ALA D 29 17.45 -1.69 -19.22
C ALA D 29 17.62 -3.19 -19.30
N VAL D 30 17.83 -3.85 -18.16
CA VAL D 30 18.09 -5.27 -18.14
C VAL D 30 17.01 -6.00 -18.94
N LYS D 31 17.44 -6.88 -19.85
CA LYS D 31 16.59 -7.72 -20.72
C LYS D 31 15.95 -6.99 -21.89
N ARG D 32 15.95 -5.65 -21.84
CA ARG D 32 15.17 -4.85 -22.75
C ARG D 32 16.04 -4.22 -23.85
N TRP D 33 16.60 -3.03 -23.62
CA TRP D 33 17.30 -2.32 -24.70
C TRP D 33 18.74 -2.83 -24.73
N LEU D 34 18.96 -3.97 -25.39
CA LEU D 34 20.27 -4.62 -25.35
C LEU D 34 21.24 -4.13 -26.45
N GLU D 35 20.73 -3.73 -27.60
CA GLU D 35 21.63 -3.33 -28.70
C GLU D 35 22.45 -2.15 -28.21
N PRO D 36 23.79 -2.26 -28.23
CA PRO D 36 24.62 -1.21 -27.63
C PRO D 36 24.35 0.24 -28.12
N ASP D 37 24.34 0.47 -29.44
CA ASP D 37 24.03 1.82 -29.95
C ASP D 37 22.61 2.28 -29.59
N ARG D 38 21.63 1.37 -29.59
CA ARG D 38 20.27 1.73 -29.14
C ARG D 38 20.26 2.16 -27.67
N LEU D 39 20.85 1.34 -26.79
CA LEU D 39 21.00 1.69 -25.37
C LEU D 39 21.79 3.01 -25.15
N ALA D 40 22.91 3.21 -25.86
CA ALA D 40 23.64 4.47 -25.75
C ALA D 40 22.75 5.65 -26.17
N GLY D 41 22.04 5.50 -27.29
CA GLY D 41 21.16 6.58 -27.81
C GLY D 41 19.94 6.86 -26.93
N LEU D 42 19.45 5.82 -26.25
CA LEU D 42 18.41 5.97 -25.25
C LEU D 42 18.88 6.87 -24.10
N VAL D 43 20.04 6.57 -23.53
CA VAL D 43 20.62 7.38 -22.44
C VAL D 43 20.98 8.81 -22.92
N ARG D 44 21.55 8.94 -24.10
CA ARG D 44 21.98 10.24 -24.60
C ARG D 44 20.76 11.08 -24.94
N ASP D 45 19.85 10.52 -25.75
CA ASP D 45 18.74 11.30 -26.31
C ASP D 45 17.44 11.27 -25.47
N ASP D 46 17.02 10.11 -24.99
CA ASP D 46 15.75 10.03 -24.26
C ASP D 46 15.92 10.49 -22.81
N LEU D 47 16.99 10.05 -22.14
CA LEU D 47 17.22 10.47 -20.75
C LEU D 47 17.99 11.77 -20.66
N GLY D 48 18.82 12.09 -21.65
CA GLY D 48 19.61 13.34 -21.62
C GLY D 48 20.67 13.28 -20.52
N LEU D 49 21.25 12.11 -20.31
CA LEU D 49 22.30 11.96 -19.30
C LEU D 49 23.62 11.61 -19.93
N GLU D 50 24.66 11.86 -19.18
CA GLU D 50 26.02 11.67 -19.67
C GLU D 50 26.77 10.62 -18.85
N TYR D 51 26.52 10.59 -17.53
CA TYR D 51 27.27 9.70 -16.63
C TYR D 51 26.50 8.42 -16.36
N VAL D 52 27.18 7.29 -16.58
CA VAL D 52 26.59 5.99 -16.62
C VAL D 52 27.36 5.02 -15.74
N GLN D 53 26.60 4.12 -15.09
CA GLN D 53 27.16 3.00 -14.38
C GLN D 53 26.63 1.73 -15.04
N TYR D 54 27.55 0.93 -15.56
CA TYR D 54 27.22 -0.26 -16.27
C TYR D 54 26.96 -1.29 -15.20
N THR D 55 25.98 -2.15 -15.43
CA THR D 55 25.59 -3.19 -14.48
C THR D 55 26.04 -4.56 -14.96
N TYR D 56 26.56 -5.35 -14.04
CA TYR D 56 26.88 -6.77 -14.34
C TYR D 56 25.66 -7.56 -14.90
N ASP D 57 24.46 -7.02 -14.68
CA ASP D 57 23.22 -7.66 -15.14
C ASP D 57 23.06 -7.57 -16.65
N LEU D 58 23.97 -6.90 -17.35
CA LEU D 58 23.99 -6.90 -18.84
C LEU D 58 24.93 -7.94 -19.43
N THR D 59 26.10 -8.10 -18.82
CA THR D 59 27.09 -9.14 -19.21
C THR D 59 27.68 -9.74 -17.96
N ASP D 60 27.40 -11.01 -17.75
CA ASP D 60 27.81 -11.74 -16.51
C ASP D 60 29.33 -11.96 -16.44
N PRO D 61 29.97 -11.50 -15.36
CA PRO D 61 31.39 -11.80 -15.15
C PRO D 61 31.73 -13.27 -15.31
N TRP D 62 30.84 -14.17 -14.90
CA TRP D 62 31.08 -15.62 -15.07
C TRP D 62 31.12 -16.11 -16.52
N TRP D 63 30.56 -15.34 -17.45
CA TRP D 63 30.62 -15.78 -18.84
C TRP D 63 32.08 -16.05 -19.33
N PRO D 64 32.25 -17.02 -20.24
CA PRO D 64 33.58 -17.24 -20.85
C PRO D 64 34.04 -15.92 -21.44
N ASP D 65 35.33 -15.59 -21.26
CA ASP D 65 35.80 -14.21 -21.41
C ASP D 65 35.79 -13.69 -22.82
N ILE D 66 36.03 -14.56 -23.78
CA ILE D 66 35.96 -14.20 -25.18
C ILE D 66 34.59 -13.57 -25.55
N GLU D 67 33.50 -14.29 -25.35
CA GLU D 67 32.16 -13.78 -25.68
C GLU D 67 31.75 -12.64 -24.74
N ARG D 68 32.13 -12.77 -23.48
CA ARG D 68 31.79 -11.77 -22.46
C ARG D 68 32.39 -10.45 -22.84
N ASP D 69 33.71 -10.44 -23.06
CA ASP D 69 34.42 -9.19 -23.28
C ASP D 69 34.02 -8.60 -24.65
N ARG D 70 33.73 -9.44 -25.65
CA ARG D 70 33.27 -8.91 -26.93
C ARG D 70 32.04 -8.03 -26.74
N ARG D 71 31.09 -8.52 -25.94
CA ARG D 71 29.80 -7.83 -25.74
C ARG D 71 30.01 -6.63 -24.86
N ALA D 72 30.81 -6.79 -23.78
CA ALA D 72 31.07 -5.69 -22.86
C ALA D 72 31.80 -4.54 -23.58
N ILE D 73 32.76 -4.90 -24.43
CA ILE D 73 33.51 -3.91 -25.19
C ILE D 73 32.58 -3.17 -26.16
N ALA D 74 31.67 -3.91 -26.79
CA ALA D 74 30.73 -3.32 -27.72
C ALA D 74 29.89 -2.27 -26.97
N TYR D 75 29.47 -2.56 -25.74
CA TYR D 75 28.79 -1.54 -24.93
C TYR D 75 29.71 -0.35 -24.64
N ALA D 76 30.97 -0.63 -24.26
CA ALA D 76 31.90 0.47 -23.96
C ALA D 76 32.10 1.35 -25.18
N LYS D 77 32.29 0.73 -26.34
CA LYS D 77 32.46 1.48 -27.59
C LYS D 77 31.24 2.34 -27.95
N ALA D 78 30.04 1.79 -27.81
CA ALA D 78 28.80 2.52 -28.13
C ALA D 78 28.60 3.79 -27.26
N PHE D 79 28.84 3.60 -25.96
CA PHE D 79 28.76 4.67 -25.01
C PHE D 79 29.78 5.78 -25.27
N ARG D 80 31.05 5.41 -25.49
CA ARG D 80 32.10 6.38 -25.87
C ARG D 80 31.74 7.14 -27.13
N LYS D 81 31.29 6.42 -28.16
CA LYS D 81 30.93 7.03 -29.45
C LYS D 81 29.75 8.02 -29.33
N ALA D 82 28.84 7.78 -28.37
CA ALA D 82 27.70 8.65 -28.10
C ALA D 82 28.05 9.84 -27.19
N GLY D 83 29.31 9.95 -26.79
CA GLY D 83 29.77 11.04 -25.91
C GLY D 83 29.46 10.77 -24.44
N LEU D 84 29.21 9.51 -24.10
CA LEU D 84 28.82 9.12 -22.72
C LEU D 84 30.01 8.56 -21.94
N THR D 85 30.01 8.77 -20.63
CA THR D 85 31.10 8.31 -19.79
C THR D 85 30.61 7.16 -18.88
N ILE D 86 31.08 5.96 -19.17
CA ILE D 86 30.89 4.86 -18.21
C ILE D 86 31.94 5.01 -17.08
N GLU D 87 31.51 5.54 -15.94
CA GLU D 87 32.39 5.80 -14.78
C GLU D 87 32.78 4.56 -13.96
N SER D 88 31.91 3.56 -13.99
CA SER D 88 32.13 2.31 -13.26
C SER D 88 31.21 1.21 -13.76
N THR D 89 31.56 -0.04 -13.46
CA THR D 89 30.63 -1.18 -13.53
C THR D 89 30.22 -1.55 -12.09
N PHE D 90 29.10 -2.23 -11.95
CA PHE D 90 28.58 -2.54 -10.66
C PHE D 90 27.74 -3.80 -10.64
N GLY D 91 27.84 -4.52 -9.54
CA GLY D 91 27.00 -5.70 -9.33
C GLY D 91 25.53 -5.38 -9.42
N GLY D 92 24.77 -6.33 -9.97
CA GLY D 92 23.32 -6.23 -9.99
C GLY D 92 22.64 -7.37 -9.25
N LEU D 93 21.42 -7.70 -9.65
N LEU D 93 21.43 -7.67 -9.68
CA LEU D 93 20.68 -8.75 -8.92
CA LEU D 93 20.62 -8.71 -9.06
C LEU D 93 21.18 -10.17 -9.15
C LEU D 93 21.22 -10.11 -9.16
N ALA D 94 21.76 -10.45 -10.32
CA ALA D 94 22.37 -11.79 -10.52
C ALA D 94 23.57 -11.97 -9.56
N SER D 95 24.38 -10.94 -9.37
CA SER D 95 25.49 -10.97 -8.40
C SER D 95 25.01 -11.07 -6.95
N TYR D 96 24.00 -10.25 -6.63
CA TYR D 96 23.51 -10.17 -5.24
C TYR D 96 22.75 -11.40 -4.75
N THR D 97 22.36 -12.27 -5.67
CA THR D 97 21.74 -13.49 -5.29
C THR D 97 22.58 -14.38 -4.36
N TYR D 98 23.91 -14.31 -4.47
CA TYR D 98 24.79 -15.27 -3.78
C TYR D 98 25.52 -14.54 -2.65
N ASN D 99 26.20 -15.30 -1.80
CA ASN D 99 26.76 -14.75 -0.56
C ASN D 99 28.19 -14.23 -0.64
N HIS D 100 28.95 -14.71 -1.64
CA HIS D 100 30.28 -14.18 -1.96
C HIS D 100 31.20 -14.10 -0.72
N PHE D 101 31.72 -12.91 -0.39
CA PHE D 101 32.85 -12.81 0.55
C PHE D 101 32.53 -13.15 2.00
N LEU D 102 31.23 -13.17 2.36
CA LEU D 102 30.85 -13.50 3.75
C LEU D 102 30.17 -14.88 3.87
N ALA D 103 30.23 -15.68 2.80
CA ALA D 103 29.58 -17.00 2.74
C ALA D 103 30.15 -17.95 3.77
N PRO D 104 29.40 -18.99 4.16
CA PRO D 104 29.76 -19.89 5.28
C PRO D 104 30.84 -20.94 4.99
N THR D 105 31.37 -21.03 3.76
CA THR D 105 32.47 -21.96 3.49
C THR D 105 33.57 -21.21 2.77
N LEU D 106 34.80 -21.70 2.94
CA LEU D 106 35.98 -21.13 2.24
C LEU D 106 35.85 -21.25 0.72
N GLU D 107 35.32 -22.38 0.27
CA GLU D 107 35.06 -22.54 -1.16
C GLU D 107 34.07 -21.54 -1.69
N LEU D 108 32.94 -21.34 -1.00
CA LEU D 108 32.00 -20.30 -1.46
C LEU D 108 32.63 -18.90 -1.40
N GLN D 109 33.44 -18.62 -0.38
CA GLN D 109 34.18 -17.32 -0.36
C GLN D 109 35.16 -17.16 -1.55
N SER D 110 35.83 -18.24 -1.93
CA SER D 110 36.76 -18.18 -3.08
C SER D 110 35.96 -17.96 -4.34
N LEU D 111 34.72 -18.46 -4.39
CA LEU D 111 33.87 -18.22 -5.57
C LEU D 111 33.49 -16.72 -5.61
N GLY D 112 33.31 -16.12 -4.45
CA GLY D 112 33.20 -14.61 -4.38
C GLY D 112 34.40 -13.90 -4.97
N TYR D 113 35.58 -14.37 -4.61
CA TYR D 113 36.84 -13.73 -5.07
C TYR D 113 36.91 -13.78 -6.58
N GLN D 114 36.63 -14.97 -7.13
CA GLN D 114 36.65 -15.15 -8.58
C GLN D 114 35.61 -14.30 -9.27
N HIS D 115 34.44 -14.21 -8.69
CA HIS D 115 33.35 -13.43 -9.28
C HIS D 115 33.84 -11.98 -9.47
N LEU D 116 34.42 -11.41 -8.44
CA LEU D 116 34.93 -10.01 -8.51
C LEU D 116 36.17 -9.91 -9.39
N LYS D 117 37.03 -10.94 -9.35
CA LYS D 117 38.21 -10.99 -10.19
C LYS D 117 37.82 -10.89 -11.68
N ARG D 118 36.81 -11.68 -12.04
CA ARG D 118 36.33 -11.75 -13.41
C ARG D 118 35.64 -10.45 -13.74
N ALA D 119 34.90 -9.85 -12.79
CA ALA D 119 34.32 -8.54 -13.01
C ALA D 119 35.36 -7.48 -13.30
N ILE D 120 36.45 -7.53 -12.56
CA ILE D 120 37.59 -6.65 -12.76
C ILE D 120 38.19 -6.82 -14.19
N ASP D 121 38.36 -8.05 -14.64
CA ASP D 121 38.84 -8.30 -16.02
C ASP D 121 37.90 -7.65 -17.05
N THR D 123 35.69 -5.21 -16.64
CA THR D 123 35.77 -3.77 -16.46
C THR D 123 37.02 -3.23 -17.16
N ALA D 124 38.17 -3.86 -16.93
CA ALA D 124 39.41 -3.50 -17.63
C ALA D 124 39.29 -3.65 -19.15
N ALA D 125 38.59 -4.67 -19.61
CA ALA D 125 38.43 -4.88 -21.06
C ALA D 125 37.65 -3.70 -21.66
N GLU D 127 37.81 -0.72 -20.52
CA GLU D 127 38.59 0.48 -20.21
C GLU D 127 37.82 1.40 -19.26
N VAL D 128 37.10 0.79 -18.33
CA VAL D 128 36.33 1.51 -17.34
C VAL D 128 37.17 1.47 -16.08
N PRO D 129 37.21 2.59 -15.34
CA PRO D 129 38.23 2.75 -14.29
C PRO D 129 37.90 2.17 -12.92
N ALA D 130 36.65 1.77 -12.70
CA ALA D 130 36.23 1.35 -11.36
C ALA D 130 35.14 0.29 -11.41
N THR D 131 35.09 -0.55 -10.40
CA THR D 131 33.95 -1.48 -10.25
C THR D 131 33.68 -1.68 -8.76
N GLY D 132 32.49 -2.15 -8.45
CA GLY D 132 32.10 -2.41 -7.07
C GLY D 132 30.85 -3.25 -6.95
N PRO D 134 28.03 -4.90 -3.45
CA PRO D 134 27.92 -5.21 -2.03
C PRO D 134 28.93 -6.28 -1.61
N PHE D 135 29.31 -6.27 -0.33
CA PHE D 135 30.46 -7.01 0.14
C PHE D 135 30.19 -8.51 0.21
N GLY D 136 28.94 -8.87 0.47
CA GLY D 136 28.57 -10.28 0.66
C GLY D 136 27.60 -10.41 1.82
N SER D 137 27.34 -11.65 2.19
CA SER D 137 26.21 -11.92 3.05
C SER D 137 26.48 -13.14 3.88
N TYR D 138 26.12 -13.07 5.17
CA TYR D 138 26.33 -14.18 6.07
C TYR D 138 25.11 -15.09 5.99
N SER D 139 25.30 -16.39 6.20
CA SER D 139 24.17 -17.27 6.32
C SER D 139 23.36 -16.93 7.56
N ALA D 140 22.19 -17.54 7.67
CA ALA D 140 21.30 -17.30 8.80
C ALA D 140 21.97 -17.62 10.15
N ALA D 141 22.67 -18.75 10.22
CA ALA D 141 23.34 -19.13 11.47
C ALA D 141 24.53 -18.23 11.72
N ASP D 142 25.32 -17.98 10.67
CA ASP D 142 26.56 -17.20 10.90
C ASP D 142 26.21 -15.79 11.32
N ALA D 143 25.11 -15.24 10.81
CA ALA D 143 24.68 -13.88 11.14
C ALA D 143 24.46 -13.65 12.63
N LEU D 144 24.10 -14.71 13.34
CA LEU D 144 23.81 -14.64 14.78
C LEU D 144 25.03 -14.96 15.65
N ASN D 145 26.19 -15.23 15.03
CA ASN D 145 27.37 -15.78 15.73
C ASN D 145 28.53 -14.80 15.52
N PRO D 146 28.76 -13.90 16.50
CA PRO D 146 29.79 -12.84 16.30
C PRO D 146 31.21 -13.39 16.00
N ALA D 147 31.55 -14.55 16.55
CA ALA D 147 32.86 -15.20 16.29
C ALA D 147 33.01 -15.65 14.83
N ARG D 148 31.99 -16.33 14.31
CA ARG D 148 32.00 -16.74 12.91
C ARG D 148 32.04 -15.48 12.04
N ARG D 149 31.23 -14.48 12.38
CA ARG D 149 31.18 -13.25 11.58
C ARG D 149 32.58 -12.66 11.44
N GLU D 150 33.33 -12.65 12.54
CA GLU D 150 34.66 -12.06 12.57
C GLU D 150 35.65 -12.96 11.83
N GLU D 151 35.55 -14.28 12.01
CA GLU D 151 36.46 -15.17 11.32
C GLU D 151 36.32 -15.03 9.77
N ILE D 152 35.06 -14.94 9.33
CA ILE D 152 34.73 -14.87 7.91
C ILE D 152 35.20 -13.52 7.36
N TYR D 153 34.91 -12.46 8.11
CA TYR D 153 35.29 -11.09 7.71
C TYR D 153 36.82 -10.91 7.50
N ALA D 154 37.63 -11.43 8.42
CA ALA D 154 39.09 -11.32 8.28
C ALA D 154 39.56 -11.92 6.93
N ILE D 155 39.01 -13.06 6.57
CA ILE D 155 39.31 -13.72 5.29
C ILE D 155 38.88 -12.80 4.15
N ALA D 156 37.67 -12.22 4.26
CA ALA D 156 37.11 -11.39 3.20
C ALA D 156 37.95 -10.14 2.98
N ARG D 157 38.40 -9.55 4.08
CA ARG D 157 39.20 -8.36 4.06
C ARG D 157 40.52 -8.62 3.33
N ASP D 158 41.14 -9.75 3.61
CA ASP D 158 42.37 -10.10 2.94
C ASP D 158 42.10 -10.31 1.45
N TRP D 160 39.78 -8.86 -0.47
CA TRP D 160 39.64 -7.52 -1.11
C TRP D 160 40.97 -6.80 -1.28
N ILE D 161 41.91 -7.05 -0.36
CA ILE D 161 43.25 -6.41 -0.50
C ILE D 161 43.95 -6.97 -1.77
N GLU D 162 43.88 -8.29 -1.94
CA GLU D 162 44.45 -8.93 -3.11
C GLU D 162 43.74 -8.48 -4.37
N LEU D 163 42.42 -8.37 -4.30
CA LEU D 163 41.64 -7.98 -5.46
C LEU D 163 41.92 -6.50 -5.83
N ALA D 164 42.18 -5.66 -4.83
CA ALA D 164 42.64 -4.31 -5.13
C ALA D 164 43.98 -4.30 -5.88
N ALA D 165 44.93 -5.15 -5.46
CA ALA D 165 46.23 -5.29 -6.11
C ALA D 165 46.08 -5.74 -7.55
N TYR D 166 45.21 -6.74 -7.72
CA TYR D 166 44.85 -7.25 -9.05
C TYR D 166 44.22 -6.19 -9.96
N ALA D 167 43.25 -5.48 -9.40
CA ALA D 167 42.57 -4.39 -10.10
C ALA D 167 43.56 -3.33 -10.54
N LYS D 168 44.52 -3.03 -9.68
CA LYS D 168 45.56 -2.09 -10.04
C LYS D 168 46.40 -2.60 -11.22
N ARG D 169 46.78 -3.88 -11.14
CA ARG D 169 47.55 -4.51 -12.20
C ARG D 169 46.79 -4.48 -13.55
N GLN D 170 45.46 -4.70 -13.51
CA GLN D 170 44.61 -4.67 -14.71
C GLN D 170 44.29 -3.24 -15.19
N GLY D 171 44.68 -2.23 -14.42
CA GLY D 171 44.53 -0.83 -14.84
C GLY D 171 43.40 0.01 -14.22
N LEU D 172 42.66 -0.58 -13.30
CA LEU D 172 41.59 0.14 -12.58
C LEU D 172 42.14 1.11 -11.52
N SER D 173 41.33 2.12 -11.20
CA SER D 173 41.68 3.22 -10.29
C SER D 173 41.03 3.11 -8.91
N LEU D 175 38.05 0.58 -6.38
CA LEU D 175 36.92 -0.30 -6.07
C LEU D 175 35.89 0.30 -5.11
N TYR D 176 34.62 -0.13 -5.24
CA TYR D 176 33.58 0.27 -4.29
C TYR D 176 32.93 -0.85 -3.58
N VAL D 177 32.48 -0.52 -2.36
CA VAL D 177 31.59 -1.40 -1.60
C VAL D 177 30.32 -0.60 -1.31
N GLU D 178 29.19 -1.26 -1.51
CA GLU D 178 27.90 -0.64 -1.33
C GLU D 178 27.29 -1.22 -0.03
N PRO D 179 27.12 -0.38 1.01
CA PRO D 179 26.42 -0.92 2.18
C PRO D 179 24.95 -1.22 1.96
N VAL D 180 24.44 -2.17 2.76
CA VAL D 180 23.11 -2.73 2.59
C VAL D 180 22.26 -2.69 3.87
N PRO D 181 20.96 -2.51 3.72
CA PRO D 181 20.06 -2.43 4.87
C PRO D 181 19.63 -3.80 5.44
N LEU D 182 20.62 -4.67 5.71
CA LEU D 182 20.38 -6.00 6.25
C LEU D 182 21.33 -6.23 7.42
N ALA D 183 20.80 -6.68 8.55
CA ALA D 183 21.63 -6.99 9.75
C ALA D 183 22.49 -8.25 9.51
N THR D 184 22.10 -9.04 8.54
CA THR D 184 22.80 -10.29 8.21
C THR D 184 23.94 -10.11 7.17
N GLU D 185 24.20 -8.88 6.74
CA GLU D 185 25.26 -8.58 5.81
C GLU D 185 26.12 -7.50 6.46
N PHE D 186 27.30 -7.26 5.89
CA PHE D 186 28.25 -6.28 6.43
C PHE D 186 29.00 -5.75 5.23
N PRO D 187 29.19 -4.42 5.16
CA PRO D 187 28.70 -3.36 6.05
C PRO D 187 27.25 -3.04 5.82
N SER D 188 26.55 -2.75 6.91
N SER D 188 26.54 -2.77 6.91
CA SER D 188 25.16 -2.37 6.85
CA SER D 188 25.15 -2.35 6.86
C SER D 188 24.98 -0.92 7.37
C SER D 188 25.03 -0.91 7.35
N SER D 189 25.39 -0.66 8.61
CA SER D 189 25.32 0.71 9.20
C SER D 189 26.43 1.66 8.75
N ALA D 190 26.31 2.93 9.10
CA ALA D 190 27.39 3.90 8.86
C ALA D 190 28.65 3.52 9.67
N ALA D 191 28.45 3.05 10.89
CA ALA D 191 29.55 2.57 11.72
C ALA D 191 30.29 1.40 11.10
N ASP D 192 29.52 0.43 10.58
CA ASP D 192 30.05 -0.70 9.84
C ASP D 192 30.89 -0.24 8.64
N ALA D 193 30.33 0.62 7.83
CA ALA D 193 31.03 1.08 6.63
C ALA D 193 32.32 1.86 7.00
N ALA D 194 32.31 2.59 8.12
CA ALA D 194 33.50 3.32 8.57
C ALA D 194 34.58 2.33 9.06
N ARG D 195 34.16 1.26 9.71
CA ARG D 195 35.06 0.21 10.15
C ARG D 195 35.77 -0.46 8.99
N LEU D 196 35.00 -0.81 7.94
CA LEU D 196 35.55 -1.42 6.74
C LEU D 196 36.55 -0.49 6.06
N ALA D 198 38.25 2.12 7.43
CA ALA D 198 39.41 2.27 8.31
C ALA D 198 40.36 1.08 8.17
N ASP D 199 39.79 -0.12 8.06
CA ASP D 199 40.57 -1.37 7.96
C ASP D 199 41.33 -1.46 6.66
N LEU D 200 40.69 -1.09 5.54
CA LEU D 200 41.32 -1.18 4.22
C LEU D 200 42.25 -0.02 3.92
N ASP D 201 42.07 1.11 4.59
CA ASP D 201 42.88 2.25 4.27
C ASP D 201 44.33 2.02 4.56
N GLY D 202 45.19 2.40 3.62
CA GLY D 202 46.61 2.20 3.75
C GLY D 202 47.04 0.79 3.41
N ARG D 203 46.08 -0.11 3.20
CA ARG D 203 46.39 -1.50 2.90
C ARG D 203 46.20 -1.87 1.42
N THR D 204 45.48 -1.05 0.66
CA THR D 204 45.07 -1.43 -0.70
C THR D 204 45.90 -0.62 -1.75
N GLU D 205 46.34 -1.29 -2.82
CA GLU D 205 47.18 -0.66 -3.85
C GLU D 205 46.41 0.42 -4.64
N ILE D 206 45.09 0.30 -4.65
CA ILE D 206 44.20 1.37 -5.10
C ILE D 206 43.16 1.57 -4.02
N PRO D 207 42.55 2.75 -3.99
CA PRO D 207 41.52 3.02 -3.00
C PRO D 207 40.27 2.15 -3.15
N VAL D 208 39.78 1.64 -2.02
CA VAL D 208 38.48 1.03 -1.93
C VAL D 208 37.59 2.04 -1.18
N ARG D 209 36.48 2.41 -1.81
CA ARG D 209 35.61 3.49 -1.31
C ARG D 209 34.18 3.01 -1.22
N LEU D 210 33.34 3.85 -0.65
CA LEU D 210 31.94 3.53 -0.45
C LEU D 210 31.12 4.09 -1.60
N LEU D 211 30.16 3.28 -2.05
CA LEU D 211 29.03 3.81 -2.85
C LEU D 211 27.80 3.71 -1.93
N VAL D 212 27.11 4.82 -1.66
CA VAL D 212 26.02 4.79 -0.66
C VAL D 212 24.71 4.93 -1.43
N ASP D 213 23.84 3.95 -1.22
CA ASP D 213 22.52 3.93 -1.82
C ASP D 213 21.58 4.60 -0.83
N TRP D 214 20.87 5.61 -1.30
CA TRP D 214 20.01 6.43 -0.43
C TRP D 214 18.87 5.58 0.20
N GLY D 215 18.29 4.68 -0.58
CA GLY D 215 17.26 3.76 -0.11
C GLY D 215 17.76 2.75 0.92
N HIS D 216 19.06 2.42 0.89
CA HIS D 216 19.66 1.56 1.92
C HIS D 216 19.91 2.34 3.21
N ALA D 217 20.51 3.53 3.10
CA ALA D 217 20.78 4.36 4.27
C ALA D 217 19.48 4.74 5.01
N LEU D 218 18.41 4.94 4.25
CA LEU D 218 17.19 5.54 4.79
C LEU D 218 16.15 4.46 5.19
N PHE D 219 16.62 3.22 5.32
CA PHE D 219 15.75 2.10 5.64
C PHE D 219 15.47 2.13 7.16
N GLU D 220 14.29 2.67 7.49
CA GLU D 220 13.90 2.92 8.89
C GLU D 220 13.77 1.69 9.80
N PRO D 221 13.18 0.59 9.32
CA PRO D 221 12.97 -0.51 10.26
C PRO D 221 14.26 -1.02 10.90
N LEU D 222 15.37 -0.95 10.17
CA LEU D 222 16.67 -1.30 10.73
C LEU D 222 17.43 -0.16 11.44
N PHE D 223 17.49 1.04 10.87
CA PHE D 223 18.33 2.13 11.41
C PHE D 223 17.61 3.22 12.26
N GLY D 224 16.27 3.23 12.23
CA GLY D 224 15.48 4.15 13.07
C GLY D 224 15.89 5.59 12.90
N PRO D 225 16.21 6.28 14.01
CA PRO D 225 16.65 7.68 13.91
C PRO D 225 17.99 7.91 13.15
N GLU D 226 18.76 6.83 12.96
CA GLU D 226 20.00 6.89 12.15
C GLU D 226 19.73 6.66 10.63
N ALA D 227 18.46 6.52 10.25
CA ALA D 227 18.03 6.42 8.84
C ALA D 227 18.02 7.84 8.31
N ASP D 228 19.24 8.33 8.07
CA ASP D 228 19.52 9.74 7.95
C ASP D 228 20.84 9.86 7.16
N ASP D 230 22.73 12.59 6.93
CA ASP D 230 23.73 13.40 7.67
C ASP D 230 24.55 12.52 8.59
N HIS D 231 23.92 11.47 9.12
CA HIS D 231 24.59 10.45 9.95
C HIS D 231 25.68 9.74 9.12
N TRP D 232 25.34 9.39 7.89
CA TRP D 232 26.31 8.77 7.00
C TRP D 232 27.49 9.72 6.75
N ASP D 234 28.45 12.14 8.80
CA ASP D 234 29.14 12.30 10.08
C ASP D 234 30.20 11.24 10.27
N LEU D 235 29.86 9.99 9.90
CA LEU D 235 30.72 8.82 10.11
C LEU D 235 31.60 8.44 8.91
N CYS D 236 31.11 8.69 7.69
CA CYS D 236 31.78 8.19 6.48
C CYS D 236 32.09 9.20 5.32
N GLN D 237 31.84 10.49 5.49
CA GLN D 237 32.01 11.44 4.39
C GLN D 237 33.30 11.22 3.54
N PRO D 238 34.50 11.18 4.17
CA PRO D 238 35.73 11.11 3.37
C PRO D 238 35.80 9.91 2.39
N TRP D 239 35.01 8.90 2.64
CA TRP D 239 35.06 7.66 1.86
C TRP D 239 33.97 7.50 0.79
N ILE D 240 32.98 8.38 0.76
CA ILE D 240 31.81 8.19 -0.12
C ILE D 240 32.14 8.82 -1.46
N ALA D 241 32.39 7.96 -2.44
CA ALA D 241 32.89 8.38 -3.71
C ALA D 241 31.78 8.46 -4.74
N ALA D 242 30.67 7.78 -4.48
CA ALA D 242 29.54 7.81 -5.39
C ALA D 242 28.25 7.36 -4.68
N TYR D 243 27.12 7.44 -5.37
CA TYR D 243 25.82 7.18 -4.74
C TYR D 243 24.84 6.49 -5.70
N HIS D 244 23.89 5.76 -5.13
CA HIS D 244 22.68 5.37 -5.84
C HIS D 244 21.53 6.17 -5.30
N ILE D 245 20.69 6.66 -6.19
CA ILE D 245 19.52 7.42 -5.78
C ILE D 245 18.33 6.67 -6.32
N GLN D 246 17.27 6.66 -5.53
CA GLN D 246 16.04 6.00 -5.84
C GLN D 246 14.99 6.70 -4.98
N GLN D 247 13.73 6.57 -5.38
CA GLN D 247 12.62 6.97 -4.53
C GLN D 247 12.21 5.83 -3.59
N THR D 248 11.82 6.19 -2.37
CA THR D 248 11.46 5.19 -1.37
C THR D 248 10.62 5.78 -0.25
N ASP D 249 9.79 4.94 0.37
CA ASP D 249 9.02 5.34 1.58
C ASP D 249 9.84 5.07 2.85
N GLY D 250 11.04 4.49 2.67
CA GLY D 250 11.92 4.15 3.78
C GLY D 250 11.52 2.87 4.49
N GLN D 251 10.53 2.13 3.96
CA GLN D 251 9.96 1.00 4.70
C GLN D 251 10.42 -0.33 4.15
N LEU D 252 10.79 -0.34 2.87
CA LEU D 252 11.47 -1.41 2.20
C LEU D 252 12.44 -0.74 1.22
N ASP D 253 13.33 -1.54 0.64
CA ASP D 253 14.30 -1.06 -0.36
C ASP D 253 13.58 -0.97 -1.70
N ARG D 254 12.89 0.15 -1.93
CA ARG D 254 11.93 0.21 -3.03
C ARG D 254 12.50 0.24 -4.45
N HIS D 255 13.55 1.02 -4.66
CA HIS D 255 14.05 1.38 -5.98
C HIS D 255 12.98 1.85 -6.94
N TRP D 256 12.15 2.77 -6.46
CA TRP D 256 11.12 3.41 -7.26
C TRP D 256 11.72 4.58 -8.04
N SER D 257 11.08 4.92 -9.15
CA SER D 257 11.52 6.03 -9.97
C SER D 257 11.04 7.31 -9.33
N PHE D 258 11.49 8.42 -9.90
CA PHE D 258 11.12 9.72 -9.35
C PHE D 258 9.80 10.28 -9.88
N THR D 259 9.05 9.44 -10.61
CA THR D 259 7.63 9.72 -10.82
C THR D 259 6.82 9.31 -9.59
N GLN D 260 7.41 8.50 -8.69
CA GLN D 260 6.72 8.03 -7.49
C GLN D 260 6.91 9.00 -6.32
N PRO D 261 5.98 8.99 -5.36
CA PRO D 261 6.12 9.76 -4.12
C PRO D 261 7.00 9.04 -3.13
N GLY D 262 7.62 9.78 -2.23
CA GLY D 262 8.43 9.18 -1.20
C GLY D 262 9.31 10.17 -0.51
N VAL D 263 10.24 9.66 0.28
CA VAL D 263 11.01 10.54 1.15
C VAL D 263 12.22 11.12 0.42
N VAL D 264 12.60 10.56 -0.74
CA VAL D 264 13.79 11.04 -1.45
C VAL D 264 13.32 11.90 -2.60
N THR D 265 13.01 13.15 -2.28
CA THR D 265 12.53 14.08 -3.28
C THR D 265 13.72 14.65 -4.02
N PRO D 266 13.50 15.08 -5.27
CA PRO D 266 14.57 15.75 -5.99
C PRO D 266 15.16 16.94 -5.23
N GLN D 267 14.33 17.76 -4.61
CA GLN D 267 14.84 18.88 -3.85
C GLN D 267 15.71 18.43 -2.67
N ARG D 268 15.29 17.40 -1.94
CA ARG D 268 16.13 16.84 -0.88
C ARG D 268 17.52 16.40 -1.39
N LEU D 269 17.56 15.80 -2.58
CA LEU D 269 18.82 15.33 -3.18
C LEU D 269 19.74 16.52 -3.50
N GLN D 270 19.16 17.57 -4.06
CA GLN D 270 19.90 18.76 -4.47
C GLN D 270 20.36 19.63 -3.26
N ASP D 271 19.53 19.73 -2.22
CA ASP D 271 19.94 20.37 -0.97
C ASP D 271 21.15 19.68 -0.33
N PHE D 272 21.19 18.34 -0.38
CA PHE D 272 22.29 17.56 0.18
C PHE D 272 23.55 17.78 -0.65
N TRP D 273 23.37 17.80 -1.97
CA TRP D 273 24.43 18.04 -2.92
C TRP D 273 25.08 19.42 -2.62
N ASP D 274 24.24 20.42 -2.39
CA ASP D 274 24.72 21.74 -2.10
C ASP D 274 25.31 21.81 -0.68
N LYS D 275 24.57 21.33 0.32
CA LYS D 275 25.07 21.29 1.70
C LYS D 275 26.48 20.68 1.83
N TYR D 276 26.73 19.54 1.20
CA TYR D 276 28.04 18.88 1.36
C TYR D 276 29.06 19.23 0.25
N ALA D 277 28.74 20.26 -0.54
CA ALA D 277 29.66 20.80 -1.55
C ALA D 277 30.20 19.67 -2.43
N LEU D 278 29.29 18.80 -2.88
CA LEU D 278 29.70 17.65 -3.68
C LEU D 278 30.10 18.13 -5.07
N THR D 279 31.02 17.43 -5.72
CA THR D 279 31.58 17.86 -7.00
C THR D 279 31.45 16.68 -8.00
N ASP D 280 32.12 15.57 -7.74
CA ASP D 280 32.14 14.51 -8.74
C ASP D 280 31.52 13.17 -8.32
N GLN D 281 30.89 13.12 -7.14
CA GLN D 281 30.39 11.87 -6.55
C GLN D 281 29.00 11.57 -7.11
N THR D 282 28.98 10.95 -8.27
CA THR D 282 27.76 10.87 -9.06
C THR D 282 26.56 10.29 -8.30
N PHE D 283 25.41 10.94 -8.44
CA PHE D 283 24.15 10.36 -7.97
C PHE D 283 23.60 9.54 -9.13
N PHE D 284 23.87 8.24 -9.15
CA PHE D 284 23.36 7.36 -10.18
C PHE D 284 21.95 6.89 -9.85
N ALA D 285 20.98 7.18 -10.73
CA ALA D 285 19.63 6.66 -10.60
C ALA D 285 19.70 5.16 -10.72
N GLU D 286 19.25 4.45 -9.68
CA GLU D 286 19.15 2.99 -9.74
C GLU D 286 17.71 2.62 -9.52
N ILE D 287 16.99 2.55 -10.63
CA ILE D 287 15.54 2.27 -10.62
C ILE D 287 15.26 0.86 -11.15
N LEU D 288 14.45 0.12 -10.40
CA LEU D 288 14.09 -1.24 -10.77
C LEU D 288 12.61 -1.29 -11.18
N TYR D 289 12.33 -2.04 -12.24
CA TYR D 289 10.97 -2.22 -12.71
C TYR D 289 10.67 -3.69 -12.71
N PRO D 290 9.41 -4.08 -12.39
CA PRO D 290 9.02 -5.48 -12.54
C PRO D 290 9.34 -5.95 -13.95
N PHE D 291 9.75 -7.21 -14.08
CA PHE D 291 10.06 -7.74 -15.42
C PHE D 291 8.84 -7.60 -16.33
N GLU D 292 7.64 -7.73 -15.76
CA GLU D 292 6.40 -7.87 -16.54
C GLU D 292 5.82 -6.52 -16.97
N ALA D 293 6.44 -5.45 -16.51
CA ALA D 293 6.07 -4.11 -16.94
C ALA D 293 6.43 -4.00 -18.43
N ARG D 294 5.66 -3.27 -19.20
CA ARG D 294 5.89 -3.13 -20.65
C ARG D 294 7.07 -2.18 -20.92
N ASP D 295 7.84 -2.49 -21.96
CA ASP D 295 9.02 -1.69 -22.36
C ASP D 295 8.67 -0.20 -22.52
N GLU D 296 7.61 0.11 -23.26
CA GLU D 296 7.23 1.52 -23.49
C GLU D 296 6.80 2.26 -22.21
N ASP D 297 6.21 1.53 -21.25
CA ASP D 297 5.84 2.12 -19.95
C ASP D 297 7.08 2.38 -19.09
N VAL D 298 8.02 1.46 -19.11
CA VAL D 298 9.31 1.64 -18.42
C VAL D 298 10.08 2.82 -19.02
N LEU D 299 10.14 2.92 -20.34
CA LEU D 299 10.90 4.03 -20.96
C LEU D 299 10.29 5.38 -20.62
N ALA D 300 8.97 5.50 -20.79
CA ALA D 300 8.22 6.73 -20.49
C ALA D 300 8.39 7.14 -19.02
N ASP D 301 8.38 6.15 -18.12
CA ASP D 301 8.56 6.43 -16.70
C ASP D 301 9.97 6.92 -16.40
N ILE D 303 12.03 8.48 -18.44
CA ILE D 303 12.14 9.81 -19.00
C ILE D 303 11.51 10.83 -18.02
N ALA D 304 10.27 10.56 -17.59
CA ALA D 304 9.55 11.41 -16.62
C ALA D 304 10.30 11.54 -15.29
N SER D 305 10.96 10.48 -14.88
CA SER D 305 11.71 10.45 -13.64
C SER D 305 12.96 11.32 -13.71
N VAL D 306 13.72 11.22 -14.80
CA VAL D 306 14.87 12.13 -15.01
C VAL D 306 14.45 13.59 -15.14
N LYS D 307 13.32 13.87 -15.80
CA LYS D 307 12.83 15.24 -15.90
C LYS D 307 12.45 15.69 -14.48
N ALA D 308 11.85 14.82 -13.68
CA ALA D 308 11.57 15.18 -12.28
C ALA D 308 12.87 15.54 -11.51
N LEU D 309 13.94 14.78 -11.73
CA LEU D 309 15.22 15.09 -11.05
C LEU D 309 15.80 16.43 -11.49
N LYS D 310 15.82 16.70 -12.79
CA LYS D 310 16.32 18.00 -13.32
C LYS D 310 15.53 19.25 -12.91
N ALA D 311 14.30 19.08 -12.45
CA ALA D 311 13.44 20.23 -12.05
C ALA D 311 13.89 20.79 -10.71
N ALA D 312 14.64 20.00 -9.94
CA ALA D 312 15.12 20.45 -8.62
C ALA D 312 15.94 21.74 -8.73
N SER D 313 15.89 22.55 -7.68
CA SER D 313 16.35 23.94 -7.75
C SER D 313 17.68 24.13 -6.97
N PRO D 314 18.80 24.38 -7.68
CA PRO D 314 20.14 24.45 -7.03
C PRO D 314 20.28 25.44 -5.88
#